data_6IRV
#
_entry.id   6IRV
#
_cell.length_a   70.699
_cell.length_b   120.309
_cell.length_c   156.831
_cell.angle_alpha   90.000
_cell.angle_beta   90.000
_cell.angle_gamma   90.000
#
_symmetry.space_group_name_H-M   'P 21 21 21'
#
loop_
_entity.id
_entity.type
_entity.pdbx_description
1 polymer 'Phosphorylated CTD-interacting factor 1'
2 water water
#
_entity_poly.entity_id   1
_entity_poly.type   'polypeptide(L)'
_entity_poly.pdbx_seq_one_letter_code
;ENLYFQGSHVYWDLDIQTNAVIKHRGPSEVLPPHPEVELLRSQLILKLRQHYRELCQQREGIEPPRESFNRWMLERKVVD
KGSDPLLPSNCEPVVSPSMFREIMNDIPIRLSRIKFREEAKRLLFKYAEAARRLIESRSASPDSRKVVKWNVEDTFSWLR
KDHSASKEDYMDRLEHLRRQCGPHVSAAAKDSVEGICSKIYHISLEYVKRIREKHLAILKENNISEEVEAPEVEPRLVYC
YPVRLAVSAPPMPSVEMHMENNVVCIRYKGEMVKVSRNYFSKLWLLYRYSCIDDSAFERFLPRVWCLLRRYQMMFGVGLY
EGTGLQGSLPVHVFEALHRLFGVSFECFASPLNCYFRQYCSAFPDTDGYFGSRGPCLDFAPLSGSFEANPPFCEELMDAM
VSHFERLLESSPEPLSFIVFIPEWREPPTPALTRMEQSRFKRHQLILPAFEHEYRSGSQHICKKEEMHYKAVHNTAVLFL
QNDPGFAKWAPTPERLQELSAAYRQSGR
;
_entity_poly.pdbx_strand_id   A,B
#
# COMPACT_ATOMS: atom_id res chain seq x y z
N GLU A 1 27.22 18.41 31.11
CA GLU A 1 26.35 17.71 30.18
C GLU A 1 25.93 16.35 30.74
N ASN A 2 24.73 16.29 31.33
CA ASN A 2 24.20 15.06 31.91
C ASN A 2 22.67 15.09 31.71
N LEU A 3 22.23 14.58 30.56
CA LEU A 3 20.82 14.54 30.27
C LEU A 3 20.07 13.68 31.29
N TYR A 4 18.84 14.07 31.59
CA TYR A 4 17.98 13.26 32.46
C TYR A 4 17.89 11.83 31.92
N PHE A 5 17.60 11.70 30.63
CA PHE A 5 17.69 10.42 29.94
C PHE A 5 18.08 10.69 28.49
N GLN A 6 18.12 9.62 27.69
CA GLN A 6 18.70 9.73 26.35
C GLN A 6 17.92 10.67 25.46
N GLY A 7 16.59 10.67 25.58
CA GLY A 7 15.77 11.52 24.74
C GLY A 7 15.07 12.62 25.51
N SER A 8 15.77 13.23 26.48
CA SER A 8 15.19 14.22 27.38
C SER A 8 15.31 15.64 26.84
N HIS A 9 15.32 15.82 25.53
CA HIS A 9 15.22 17.16 24.97
C HIS A 9 13.76 17.62 24.98
N VAL A 10 13.56 18.92 25.06
CA VAL A 10 12.23 19.52 25.15
C VAL A 10 11.99 20.35 23.90
N TYR A 11 10.84 20.14 23.27
CA TYR A 11 10.48 20.79 22.01
C TYR A 11 9.18 21.56 22.15
N TRP A 12 9.00 22.24 23.28
CA TRP A 12 7.77 22.95 23.56
C TRP A 12 8.04 23.97 24.67
N ASP A 13 7.14 24.96 24.77
CA ASP A 13 7.19 25.97 25.83
C ASP A 13 5.75 26.20 26.29
N LEU A 14 5.27 25.32 27.17
CA LEU A 14 3.90 25.35 27.64
C LEU A 14 3.64 26.47 28.66
N ASP A 15 4.60 27.35 28.91
CA ASP A 15 4.38 28.48 29.81
C ASP A 15 3.82 29.71 29.12
N ILE A 16 3.98 29.81 27.79
CA ILE A 16 3.45 30.95 27.06
C ILE A 16 1.93 30.93 27.16
N GLN A 17 1.36 32.02 27.69
CA GLN A 17 -0.08 32.14 27.75
C GLN A 17 -0.61 32.67 26.42
N THR A 18 -1.87 32.35 26.14
CA THR A 18 -2.46 32.75 24.88
C THR A 18 -2.71 34.25 24.84
N ASN A 19 -2.64 34.81 23.64
CA ASN A 19 -3.20 36.13 23.36
C ASN A 19 -4.35 36.05 22.37
N ALA A 20 -4.85 34.84 22.13
CA ALA A 20 -6.00 34.65 21.25
C ALA A 20 -7.29 34.97 22.00
N VAL A 21 -8.11 35.83 21.40
CA VAL A 21 -9.38 36.24 21.98
C VAL A 21 -10.50 35.77 21.07
N ILE A 22 -11.50 35.12 21.65
CA ILE A 22 -12.71 34.72 20.93
C ILE A 22 -13.92 35.22 21.71
N LYS A 23 -15.04 35.30 21.00
CA LYS A 23 -16.33 35.37 21.68
C LYS A 23 -16.59 34.04 22.35
N HIS A 24 -17.02 34.07 23.60
CA HIS A 24 -17.25 32.83 24.34
C HIS A 24 -18.27 31.97 23.60
N ARG A 25 -17.90 30.71 23.34
CA ARG A 25 -18.69 29.80 22.55
C ARG A 25 -19.14 28.61 23.40
N GLY A 26 -20.29 28.05 23.03
CA GLY A 26 -20.80 26.88 23.69
C GLY A 26 -20.02 25.64 23.32
N PRO A 27 -20.29 24.56 24.05
CA PRO A 27 -19.51 23.34 23.87
C PRO A 27 -19.73 22.70 22.50
N SER A 28 -18.70 21.99 22.04
CA SER A 28 -18.82 21.22 20.82
C SER A 28 -19.73 20.01 21.04
N GLU A 29 -20.49 19.64 20.02
CA GLU A 29 -21.42 18.53 20.11
C GLU A 29 -20.76 17.18 19.92
N VAL A 30 -19.44 17.14 19.75
CA VAL A 30 -18.74 15.87 19.58
C VAL A 30 -18.73 15.12 20.91
N LEU A 31 -18.95 13.81 20.85
CA LEU A 31 -19.04 13.00 22.05
C LEU A 31 -17.65 12.76 22.64
N PRO A 32 -17.54 12.70 23.97
CA PRO A 32 -16.23 12.45 24.57
C PRO A 32 -15.69 11.09 24.17
N PRO A 33 -14.38 10.96 24.06
CA PRO A 33 -13.80 9.71 23.54
C PRO A 33 -13.88 8.59 24.56
N HIS A 34 -13.92 7.37 24.04
CA HIS A 34 -14.00 6.14 24.82
C HIS A 34 -13.18 5.09 24.10
N PRO A 35 -12.36 4.32 24.83
CA PRO A 35 -11.48 3.36 24.14
C PRO A 35 -12.23 2.32 23.32
N GLU A 36 -13.41 1.90 23.78
CA GLU A 36 -14.18 0.92 23.04
C GLU A 36 -14.63 1.46 21.69
N VAL A 37 -14.99 2.75 21.65
CA VAL A 37 -15.39 3.37 20.39
C VAL A 37 -14.18 3.60 19.50
N GLU A 38 -13.08 4.08 20.07
CA GLU A 38 -11.86 4.27 19.29
C GLU A 38 -11.37 2.94 18.72
N LEU A 39 -11.53 1.85 19.48
CA LEU A 39 -11.15 0.54 18.97
C LEU A 39 -11.99 0.16 17.75
N LEU A 40 -13.30 0.41 17.83
CA LEU A 40 -14.16 0.19 16.66
C LEU A 40 -13.83 1.17 15.55
N ARG A 41 -13.52 2.42 15.91
CA ARG A 41 -13.21 3.41 14.89
C ARG A 41 -11.95 3.03 14.12
N SER A 42 -10.95 2.48 14.81
CA SER A 42 -9.70 2.13 14.14
C SER A 42 -9.89 0.98 13.16
N GLN A 43 -10.64 -0.05 13.55
CA GLN A 43 -10.85 -1.19 12.66
C GLN A 43 -11.81 -0.85 11.51
N LEU A 44 -12.60 0.21 11.66
CA LEU A 44 -13.42 0.66 10.52
C LEU A 44 -12.63 1.53 9.55
N ILE A 45 -11.60 2.24 10.04
CA ILE A 45 -10.72 2.96 9.14
C ILE A 45 -9.92 1.98 8.30
N LEU A 46 -9.39 0.93 8.93
CA LEU A 46 -8.63 -0.08 8.20
C LEU A 46 -9.48 -0.72 7.12
N LYS A 47 -10.74 -1.06 7.45
CA LYS A 47 -11.64 -1.62 6.45
C LYS A 47 -11.91 -0.61 5.32
N LEU A 48 -12.12 0.65 5.68
CA LEU A 48 -12.34 1.67 4.65
C LEU A 48 -11.10 1.84 3.78
N ARG A 49 -9.91 1.73 4.37
CA ARG A 49 -8.69 1.74 3.57
C ARG A 49 -8.64 0.53 2.65
N GLN A 50 -9.06 -0.63 3.14
CA GLN A 50 -9.03 -1.84 2.32
C GLN A 50 -10.08 -1.79 1.22
N HIS A 51 -11.28 -1.28 1.55
CA HIS A 51 -12.28 -1.03 0.52
C HIS A 51 -11.73 -0.14 -0.58
N TYR A 52 -10.95 0.89 -0.20
CA TYR A 52 -10.45 1.85 -1.18
C TYR A 52 -9.47 1.20 -2.14
N ARG A 53 -8.55 0.37 -1.63
CA ARG A 53 -7.59 -0.27 -2.52
C ARG A 53 -8.23 -1.40 -3.31
N GLU A 54 -9.28 -2.03 -2.78
CA GLU A 54 -10.03 -3.00 -3.56
C GLU A 54 -10.72 -2.32 -4.74
N LEU A 55 -11.31 -1.15 -4.51
CA LEU A 55 -12.03 -0.46 -5.57
C LEU A 55 -11.10 0.04 -6.66
N CYS A 56 -9.97 0.64 -6.28
CA CYS A 56 -9.03 1.12 -7.28
C CYS A 56 -8.45 -0.01 -8.11
N GLN A 57 -8.24 -1.18 -7.49
CA GLN A 57 -7.57 -2.28 -8.18
C GLN A 57 -8.51 -3.02 -9.12
N GLN A 58 -9.73 -3.32 -8.69
CA GLN A 58 -10.62 -4.12 -9.51
C GLN A 58 -11.56 -3.29 -10.37
N ARG A 59 -11.44 -1.97 -10.35
CA ARG A 59 -12.18 -1.11 -11.26
C ARG A 59 -11.28 -0.24 -12.14
N GLU A 60 -9.98 -0.15 -11.83
CA GLU A 60 -9.04 0.57 -12.69
C GLU A 60 -7.72 -0.15 -12.88
N GLY A 61 -7.50 -1.28 -12.22
CA GLY A 61 -6.24 -1.99 -12.36
C GLY A 61 -5.04 -1.25 -11.80
N ILE A 62 -5.26 -0.36 -10.83
CA ILE A 62 -4.19 0.45 -10.25
C ILE A 62 -4.29 0.39 -8.74
N GLU A 63 -3.16 0.60 -8.08
CA GLU A 63 -3.16 0.81 -6.65
C GLU A 63 -3.55 2.26 -6.35
N PRO A 64 -4.09 2.52 -5.16
CA PRO A 64 -4.41 3.91 -4.80
C PRO A 64 -3.16 4.77 -4.79
N PRO A 65 -3.22 5.98 -5.33
CA PRO A 65 -2.06 6.88 -5.24
C PRO A 65 -1.70 7.13 -3.79
N ARG A 66 -0.40 7.16 -3.53
CA ARG A 66 0.10 7.27 -2.16
C ARG A 66 -0.48 8.49 -1.47
N GLU A 67 -0.96 8.29 -0.24
CA GLU A 67 -1.50 9.30 0.66
C GLU A 67 -2.79 9.94 0.14
N SER A 68 -3.37 9.45 -0.95
CA SER A 68 -4.59 10.05 -1.47
C SER A 68 -5.76 9.84 -0.51
N PHE A 69 -5.81 8.69 0.16
CA PHE A 69 -6.86 8.44 1.14
C PHE A 69 -6.75 9.41 2.31
N ASN A 70 -5.53 9.65 2.79
CA ASN A 70 -5.33 10.65 3.84
C ASN A 70 -5.73 12.03 3.35
N ARG A 71 -5.31 12.39 2.14
CA ARG A 71 -5.69 13.68 1.55
C ARG A 71 -7.20 13.76 1.33
N TRP A 72 -7.84 12.62 1.08
CA TRP A 72 -9.29 12.59 0.93
C TRP A 72 -9.99 12.94 2.24
N MET A 73 -9.45 12.46 3.36
CA MET A 73 -10.10 12.71 4.65
C MET A 73 -9.99 14.18 5.05
N LEU A 74 -8.88 14.83 4.70
CA LEU A 74 -8.76 16.26 4.95
C LEU A 74 -9.77 17.06 4.12
N GLU A 75 -9.84 16.77 2.82
CA GLU A 75 -10.74 17.49 1.93
C GLU A 75 -12.19 17.32 2.37
N ARG A 76 -12.60 16.09 2.65
CA ARG A 76 -13.97 15.84 3.07
C ARG A 76 -14.31 16.62 4.34
N LYS A 77 -13.35 16.75 5.25
CA LYS A 77 -13.60 17.40 6.53
C LYS A 77 -13.74 18.91 6.40
N VAL A 78 -13.27 19.51 5.31
CA VAL A 78 -13.48 20.93 5.09
C VAL A 78 -14.96 21.20 4.83
N VAL A 79 -15.63 20.30 4.11
CA VAL A 79 -17.03 20.48 3.74
C VAL A 79 -17.97 19.60 4.55
N ASP A 80 -17.45 18.69 5.38
CA ASP A 80 -18.31 17.75 6.09
C ASP A 80 -19.16 18.48 7.11
N LYS A 81 -20.48 18.43 6.92
CA LYS A 81 -21.43 18.90 7.92
C LYS A 81 -21.87 17.80 8.86
N GLY A 82 -21.24 16.63 8.78
CA GLY A 82 -21.56 15.52 9.65
C GLY A 82 -21.02 15.71 11.06
N SER A 83 -21.13 14.64 11.85
CA SER A 83 -20.83 14.71 13.27
C SER A 83 -19.59 13.94 13.69
N ASP A 84 -19.11 12.99 12.87
CA ASP A 84 -17.97 12.20 13.32
C ASP A 84 -16.68 13.01 13.20
N PRO A 85 -15.80 12.94 14.21
CA PRO A 85 -14.57 13.76 14.16
C PRO A 85 -13.58 13.31 13.11
N LEU A 86 -13.59 12.03 12.73
CA LEU A 86 -12.62 11.50 11.77
C LEU A 86 -13.22 11.17 10.41
N LEU A 87 -14.43 10.62 10.36
CA LEU A 87 -14.95 10.14 9.09
C LEU A 87 -15.99 11.09 8.52
N PRO A 88 -15.98 11.30 7.21
CA PRO A 88 -17.02 12.13 6.59
C PRO A 88 -18.38 11.46 6.64
N SER A 89 -19.41 12.29 6.75
CA SER A 89 -20.75 11.78 7.04
C SER A 89 -21.81 12.42 6.16
N ASN A 90 -21.73 13.73 5.98
CA ASN A 90 -22.74 14.49 5.22
C ASN A 90 -21.98 15.56 4.42
N CYS A 91 -21.70 15.25 3.16
CA CYS A 91 -20.86 16.10 2.33
C CYS A 91 -21.56 16.46 1.03
N GLU A 92 -21.23 17.64 0.51
CA GLU A 92 -21.64 18.10 -0.81
C GLU A 92 -20.45 18.80 -1.46
N PRO A 93 -19.98 18.32 -2.62
CA PRO A 93 -20.56 17.19 -3.36
C PRO A 93 -20.14 15.83 -2.82
N VAL A 94 -20.92 14.80 -3.16
CA VAL A 94 -20.61 13.45 -2.71
C VAL A 94 -19.25 13.00 -3.24
N VAL A 95 -18.96 13.33 -4.50
CA VAL A 95 -17.67 13.00 -5.08
C VAL A 95 -16.63 14.02 -4.64
N SER A 96 -15.54 13.53 -4.07
CA SER A 96 -14.48 14.41 -3.61
C SER A 96 -13.63 14.85 -4.80
N PRO A 97 -13.43 16.16 -4.99
CA PRO A 97 -12.50 16.61 -6.05
C PRO A 97 -11.08 16.15 -5.83
N SER A 98 -10.67 16.01 -4.57
CA SER A 98 -9.31 15.57 -4.25
C SER A 98 -9.08 14.14 -4.71
N MET A 99 -9.92 13.20 -4.27
CA MET A 99 -9.71 11.80 -4.63
C MET A 99 -9.88 11.58 -6.13
N PHE A 100 -10.85 12.26 -6.75
CA PHE A 100 -11.04 12.14 -8.18
C PHE A 100 -9.80 12.59 -8.94
N ARG A 101 -9.24 13.74 -8.54
CA ARG A 101 -8.05 14.27 -9.21
C ARG A 101 -6.89 13.29 -9.13
N GLU A 102 -6.70 12.64 -7.98
CA GLU A 102 -5.52 11.79 -7.78
C GLU A 102 -5.66 10.46 -8.47
N ILE A 103 -6.86 9.87 -8.47
CA ILE A 103 -7.07 8.63 -9.21
C ILE A 103 -6.93 8.88 -10.70
N MET A 104 -7.43 10.03 -11.18
CA MET A 104 -7.34 10.35 -12.60
C MET A 104 -5.90 10.53 -13.06
N ASN A 105 -5.01 10.96 -12.16
CA ASN A 105 -3.63 11.18 -12.55
C ASN A 105 -2.92 9.87 -12.89
N ASP A 106 -3.30 8.78 -12.22
CA ASP A 106 -2.72 7.46 -12.45
C ASP A 106 -3.55 6.61 -13.42
N ILE A 107 -4.20 7.25 -14.38
CA ILE A 107 -5.03 6.56 -15.36
C ILE A 107 -4.55 6.96 -16.75
N PRO A 108 -4.38 6.02 -17.69
CA PRO A 108 -4.68 4.59 -17.57
C PRO A 108 -3.61 3.80 -16.81
N ILE A 109 -2.48 4.44 -16.57
CA ILE A 109 -1.34 3.81 -15.91
C ILE A 109 -0.70 4.83 -14.97
N ARG A 110 -0.35 4.39 -13.76
CA ARG A 110 0.49 5.21 -12.91
C ARG A 110 1.84 5.43 -13.58
N LEU A 111 2.16 6.69 -13.85
CA LEU A 111 3.40 7.00 -14.56
C LEU A 111 4.56 7.05 -13.57
N SER A 112 5.50 6.12 -13.73
CA SER A 112 6.78 6.20 -13.05
C SER A 112 7.78 6.92 -13.94
N ARG A 113 8.75 7.57 -13.30
CA ARG A 113 9.81 8.17 -14.09
C ARG A 113 10.72 7.08 -14.66
N ILE A 114 11.53 7.46 -15.64
CA ILE A 114 12.24 6.51 -16.48
C ILE A 114 13.74 6.60 -16.22
N LYS A 115 14.41 5.45 -16.20
CA LYS A 115 15.83 5.36 -15.93
C LYS A 115 16.65 4.76 -17.06
N PHE A 116 16.05 4.38 -18.18
CA PHE A 116 16.78 3.75 -19.28
C PHE A 116 16.09 4.06 -20.60
N ARG A 117 16.73 3.64 -21.69
CA ARG A 117 16.12 3.74 -23.02
C ARG A 117 15.10 2.63 -23.22
N GLU A 118 15.46 1.39 -22.86
CA GLU A 118 14.50 0.30 -22.93
C GLU A 118 13.38 0.48 -21.91
N GLU A 119 13.67 1.15 -20.79
CA GLU A 119 12.63 1.41 -19.79
C GLU A 119 11.68 2.50 -20.26
N ALA A 120 12.19 3.49 -21.02
CA ALA A 120 11.32 4.52 -21.58
C ALA A 120 10.39 3.92 -22.63
N LYS A 121 10.97 3.17 -23.58
CA LYS A 121 10.16 2.43 -24.54
C LYS A 121 9.16 1.53 -23.82
N ARG A 122 9.58 0.93 -22.71
CA ARG A 122 8.72 0.09 -21.89
C ARG A 122 7.48 0.85 -21.43
N LEU A 123 7.69 2.00 -20.77
CA LEU A 123 6.58 2.76 -20.23
C LEU A 123 5.72 3.38 -21.33
N LEU A 124 6.37 3.85 -22.40
CA LEU A 124 5.63 4.42 -23.52
C LEU A 124 4.67 3.41 -24.13
N PHE A 125 5.16 2.18 -24.34
CA PHE A 125 4.31 1.14 -24.91
C PHE A 125 3.16 0.81 -23.99
N LYS A 126 3.43 0.65 -22.70
CA LYS A 126 2.39 0.30 -21.73
C LYS A 126 1.30 1.37 -21.70
N TYR A 127 1.68 2.65 -21.76
CA TYR A 127 0.69 3.72 -21.74
C TYR A 127 -0.18 3.66 -22.99
N ALA A 128 0.45 3.55 -24.18
CA ALA A 128 -0.30 3.49 -25.42
C ALA A 128 -1.25 2.29 -25.44
N GLU A 129 -0.80 1.17 -24.87
CA GLU A 129 -1.64 -0.02 -24.84
C GLU A 129 -2.82 0.17 -23.89
N ALA A 130 -2.57 0.72 -22.70
CA ALA A 130 -3.64 0.92 -21.73
C ALA A 130 -4.59 2.03 -22.17
N ALA A 131 -4.09 3.03 -22.90
CA ALA A 131 -4.95 4.10 -23.37
C ALA A 131 -5.92 3.59 -24.44
N ARG A 132 -5.41 2.83 -25.41
CA ARG A 132 -6.28 2.28 -26.45
C ARG A 132 -7.26 1.28 -25.86
N ARG A 133 -6.80 0.43 -24.93
CA ARG A 133 -7.67 -0.57 -24.32
C ARG A 133 -8.84 0.08 -23.59
N LEU A 134 -8.55 1.08 -22.75
CA LEU A 134 -9.59 1.72 -21.95
C LEU A 134 -10.72 2.26 -22.83
N ILE A 135 -10.36 2.81 -23.99
CA ILE A 135 -11.37 3.33 -24.90
C ILE A 135 -12.19 2.19 -25.51
N GLU A 136 -11.54 1.06 -25.78
CA GLU A 136 -12.22 -0.05 -26.45
C GLU A 136 -13.27 -0.69 -25.55
N SER A 137 -12.96 -0.88 -24.26
CA SER A 137 -13.84 -1.60 -23.36
C SER A 137 -14.82 -0.70 -22.61
N ARG A 138 -14.62 0.62 -22.64
CA ARG A 138 -15.51 1.56 -21.98
C ARG A 138 -16.10 2.52 -23.01
N SER A 139 -17.33 2.95 -22.75
CA SER A 139 -18.07 3.75 -23.71
C SER A 139 -17.32 5.04 -24.05
N ALA A 140 -17.48 5.47 -25.29
CA ALA A 140 -16.83 6.69 -25.79
C ALA A 140 -17.45 7.05 -27.13
N SER A 141 -17.47 8.36 -27.41
CA SER A 141 -17.92 8.83 -28.71
C SER A 141 -16.95 8.33 -29.78
N PRO A 142 -17.44 7.66 -30.84
CA PRO A 142 -16.54 7.05 -31.82
C PRO A 142 -15.51 7.99 -32.45
N ASP A 143 -15.61 9.29 -32.14
CA ASP A 143 -14.57 10.23 -32.55
C ASP A 143 -13.38 10.11 -31.61
N SER A 144 -13.51 10.68 -30.41
CA SER A 144 -12.46 10.56 -29.40
C SER A 144 -12.13 9.10 -29.11
N ARG A 145 -13.07 8.18 -29.35
CA ARG A 145 -12.75 6.76 -29.32
C ARG A 145 -11.71 6.40 -30.37
N LYS A 146 -11.70 7.11 -31.51
CA LYS A 146 -10.73 6.86 -32.56
C LYS A 146 -9.72 7.99 -32.74
N VAL A 147 -9.94 9.15 -32.11
CA VAL A 147 -8.91 10.19 -32.09
C VAL A 147 -7.66 9.66 -31.40
N VAL A 148 -7.83 8.75 -30.44
CA VAL A 148 -6.71 8.15 -29.71
C VAL A 148 -6.36 6.80 -30.35
N LYS A 149 -7.38 6.09 -30.82
CA LYS A 149 -7.17 4.78 -31.42
C LYS A 149 -6.21 4.85 -32.61
N TRP A 150 -6.06 6.01 -33.23
CA TRP A 150 -5.00 6.20 -34.22
C TRP A 150 -3.70 6.64 -33.56
N ASN A 151 -3.74 7.68 -32.72
CA ASN A 151 -2.52 8.18 -32.08
C ASN A 151 -1.75 7.08 -31.38
N VAL A 152 -2.43 6.00 -31.00
CA VAL A 152 -1.76 4.84 -30.42
C VAL A 152 -1.07 4.02 -31.49
N GLU A 153 -1.65 3.94 -32.69
CA GLU A 153 -0.94 3.29 -33.79
C GLU A 153 0.30 4.08 -34.19
N ASP A 154 0.15 5.39 -34.35
CA ASP A 154 1.25 6.22 -34.84
C ASP A 154 2.48 6.06 -33.97
N THR A 155 2.30 5.99 -32.64
CA THR A 155 3.45 5.73 -31.77
C THR A 155 3.87 4.27 -31.84
N PHE A 156 2.92 3.36 -32.02
CA PHE A 156 3.26 1.95 -32.20
C PHE A 156 4.12 1.74 -33.44
N SER A 157 3.70 2.36 -34.55
CA SER A 157 4.47 2.22 -35.80
C SER A 157 5.85 2.86 -35.67
N TRP A 158 5.92 4.02 -35.02
CA TRP A 158 7.20 4.69 -34.83
C TRP A 158 8.16 3.86 -33.99
N LEU A 159 7.62 3.07 -33.04
CA LEU A 159 8.48 2.18 -32.26
C LEU A 159 9.06 1.07 -33.11
N ARG A 160 8.32 0.61 -34.13
CA ARG A 160 8.80 -0.48 -34.97
C ARG A 160 9.78 -0.01 -36.03
N LYS A 161 9.60 1.21 -36.54
CA LYS A 161 10.44 1.72 -37.62
C LYS A 161 11.75 2.32 -37.11
N ASP A 162 11.66 3.36 -36.29
CA ASP A 162 12.83 4.11 -35.84
C ASP A 162 13.59 3.30 -34.78
N HIS A 163 14.55 2.51 -35.24
CA HIS A 163 15.47 1.83 -34.34
C HIS A 163 16.59 2.74 -33.84
N SER A 164 16.54 4.03 -34.19
CA SER A 164 17.57 4.98 -33.82
C SER A 164 17.13 5.97 -32.75
N ALA A 165 15.93 5.80 -32.20
CA ALA A 165 15.44 6.71 -31.18
C ALA A 165 16.28 6.58 -29.90
N SER A 166 16.19 7.60 -29.06
CA SER A 166 16.95 7.66 -27.81
C SER A 166 16.01 7.58 -26.62
N LYS A 167 16.59 7.74 -25.43
CA LYS A 167 15.78 7.80 -24.21
C LYS A 167 14.93 9.06 -24.19
N GLU A 168 15.45 10.16 -24.71
CA GLU A 168 14.70 11.41 -24.74
C GLU A 168 13.57 11.35 -25.76
N ASP A 169 13.80 10.67 -26.89
CA ASP A 169 12.76 10.56 -27.92
C ASP A 169 11.51 9.86 -27.38
N TYR A 170 11.70 8.83 -26.57
CA TYR A 170 10.56 8.11 -26.01
C TYR A 170 9.82 8.97 -25.00
N MET A 171 10.54 9.56 -24.05
CA MET A 171 9.90 10.37 -23.01
C MET A 171 9.16 11.55 -23.63
N ASP A 172 9.70 12.12 -24.71
CA ASP A 172 9.02 13.24 -25.37
C ASP A 172 7.71 12.78 -26.01
N ARG A 173 7.71 11.60 -26.63
CA ARG A 173 6.48 11.12 -27.27
C ARG A 173 5.48 10.59 -26.26
N LEU A 174 5.92 10.28 -25.04
CA LEU A 174 4.97 9.93 -23.99
C LEU A 174 4.06 11.12 -23.67
N GLU A 175 4.66 12.28 -23.42
CA GLU A 175 3.87 13.48 -23.15
C GLU A 175 3.02 13.86 -24.36
N HIS A 176 3.60 13.80 -25.56
CA HIS A 176 2.84 14.08 -26.77
C HIS A 176 1.64 13.15 -26.89
N LEU A 177 1.86 11.84 -26.73
CA LEU A 177 0.76 10.89 -26.70
C LEU A 177 -0.15 11.14 -25.49
N ARG A 178 0.43 11.63 -24.39
CA ARG A 178 -0.36 11.88 -23.18
C ARG A 178 -1.35 13.03 -23.42
N ARG A 179 -0.92 14.07 -24.12
CA ARG A 179 -1.80 15.21 -24.37
C ARG A 179 -2.95 14.83 -25.29
N GLN A 180 -2.68 14.01 -26.31
CA GLN A 180 -3.75 13.58 -27.19
C GLN A 180 -4.72 12.64 -26.49
N CYS A 181 -4.22 11.83 -25.55
CA CYS A 181 -5.04 10.83 -24.90
C CYS A 181 -5.66 11.31 -23.59
N GLY A 182 -5.00 12.25 -22.91
CA GLY A 182 -5.44 12.73 -21.61
C GLY A 182 -6.91 13.11 -21.58
N PRO A 183 -7.28 14.16 -22.32
CA PRO A 183 -8.71 14.51 -22.42
C PRO A 183 -9.61 13.36 -22.81
N HIS A 184 -9.14 12.49 -23.71
CA HIS A 184 -10.00 11.40 -24.19
C HIS A 184 -10.16 10.31 -23.15
N VAL A 185 -9.08 9.94 -22.47
CA VAL A 185 -9.16 8.88 -21.46
C VAL A 185 -9.89 9.39 -20.22
N SER A 186 -9.58 10.62 -19.78
CA SER A 186 -10.25 11.17 -18.61
C SER A 186 -11.75 11.24 -18.79
N ALA A 187 -12.21 11.65 -19.99
CA ALA A 187 -13.64 11.69 -20.26
C ALA A 187 -14.26 10.31 -20.21
N ALA A 188 -13.51 9.28 -20.61
CA ALA A 188 -14.06 7.93 -20.63
C ALA A 188 -14.17 7.35 -19.22
N ALA A 189 -13.12 7.52 -18.42
CA ALA A 189 -13.07 6.95 -17.07
C ALA A 189 -13.75 7.82 -16.03
N LYS A 190 -14.43 8.89 -16.45
CA LYS A 190 -15.06 9.80 -15.50
C LYS A 190 -16.11 9.09 -14.64
N ASP A 191 -16.85 8.16 -15.24
CA ASP A 191 -17.92 7.49 -14.50
C ASP A 191 -17.37 6.53 -13.47
N SER A 192 -16.33 5.77 -13.82
CA SER A 192 -15.79 4.78 -12.88
C SER A 192 -15.07 5.45 -11.73
N VAL A 193 -14.29 6.50 -12.01
CA VAL A 193 -13.55 7.17 -10.94
C VAL A 193 -14.52 7.86 -9.99
N GLU A 194 -15.59 8.47 -10.51
CA GLU A 194 -16.62 9.02 -9.64
C GLU A 194 -17.28 7.94 -8.80
N GLY A 195 -17.50 6.76 -9.39
CA GLY A 195 -18.08 5.67 -8.64
C GLY A 195 -17.21 5.24 -7.48
N ILE A 196 -15.89 5.28 -7.65
CA ILE A 196 -14.98 4.97 -6.55
C ILE A 196 -15.09 6.02 -5.46
N CYS A 197 -15.02 7.30 -5.85
CA CYS A 197 -15.13 8.38 -4.88
C CYS A 197 -16.46 8.35 -4.16
N SER A 198 -17.54 7.99 -4.88
CA SER A 198 -18.86 8.00 -4.27
C SER A 198 -19.08 6.79 -3.37
N LYS A 199 -18.59 5.61 -3.78
CA LYS A 199 -18.76 4.42 -2.95
C LYS A 199 -17.99 4.55 -1.63
N ILE A 200 -16.76 5.05 -1.69
CA ILE A 200 -15.96 5.22 -0.48
C ILE A 200 -16.65 6.19 0.47
N TYR A 201 -17.30 7.23 -0.07
CA TYR A 201 -18.04 8.16 0.78
C TYR A 201 -19.22 7.47 1.46
N HIS A 202 -19.98 6.68 0.70
CA HIS A 202 -21.16 6.03 1.27
C HIS A 202 -20.79 4.95 2.27
N ILE A 203 -19.69 4.24 2.05
CA ILE A 203 -19.23 3.27 3.04
C ILE A 203 -18.81 3.99 4.32
N SER A 204 -18.14 5.13 4.17
CA SER A 204 -17.78 5.94 5.34
C SER A 204 -19.03 6.38 6.09
N LEU A 205 -20.04 6.88 5.38
CA LEU A 205 -21.30 7.26 6.00
C LEU A 205 -21.88 6.09 6.79
N GLU A 206 -21.79 4.87 6.25
CA GLU A 206 -22.33 3.71 6.94
C GLU A 206 -21.51 3.38 8.19
N TYR A 207 -20.19 3.52 8.10
CA TYR A 207 -19.35 3.26 9.27
C TYR A 207 -19.55 4.32 10.35
N VAL A 208 -19.83 5.57 9.95
CA VAL A 208 -20.09 6.62 10.93
C VAL A 208 -21.28 6.24 11.81
N LYS A 209 -22.37 5.78 11.19
CA LYS A 209 -23.56 5.44 11.96
C LYS A 209 -23.31 4.25 12.87
N ARG A 210 -22.52 3.27 12.40
CA ARG A 210 -22.14 2.16 13.26
C ARG A 210 -21.33 2.65 14.46
N ILE A 211 -20.45 3.62 14.23
CA ILE A 211 -19.67 4.17 15.33
C ILE A 211 -20.56 4.92 16.30
N ARG A 212 -21.49 5.73 15.79
CA ARG A 212 -22.37 6.50 16.67
C ARG A 212 -23.29 5.61 17.47
N GLU A 213 -23.83 4.55 16.85
CA GLU A 213 -24.76 3.68 17.56
C GLU A 213 -24.05 2.89 18.64
N LYS A 214 -22.81 2.47 18.39
CA LYS A 214 -22.00 1.88 19.47
C LYS A 214 -21.70 2.91 20.55
N HIS A 215 -21.45 4.15 20.15
CA HIS A 215 -21.15 5.20 21.12
C HIS A 215 -22.37 5.51 21.98
N LEU A 216 -23.53 5.70 21.35
CA LEU A 216 -24.74 6.00 22.10
C LEU A 216 -25.17 4.83 22.98
N ALA A 217 -24.78 3.60 22.62
CA ALA A 217 -25.05 2.46 23.49
C ALA A 217 -24.23 2.54 24.76
N ILE A 218 -22.98 2.99 24.66
CA ILE A 218 -22.13 3.13 25.84
C ILE A 218 -22.63 4.27 26.72
N LEU A 219 -23.10 5.35 26.10
CA LEU A 219 -23.61 6.48 26.88
C LEU A 219 -24.88 6.12 27.63
N LYS A 220 -25.80 5.41 26.98
CA LYS A 220 -26.99 4.95 27.69
C LYS A 220 -26.65 3.91 28.74
N GLU A 221 -25.59 3.13 28.52
CA GLU A 221 -25.17 2.15 29.52
C GLU A 221 -24.68 2.82 30.80
N ASN A 222 -24.08 4.01 30.67
CA ASN A 222 -23.56 4.75 31.81
C ASN A 222 -24.51 5.87 32.25
N ASN A 223 -25.78 5.80 31.86
CA ASN A 223 -26.82 6.73 32.31
C ASN A 223 -26.60 8.15 31.81
N ILE A 224 -25.92 8.31 30.67
CA ILE A 224 -25.63 9.63 30.12
C ILE A 224 -26.53 9.85 28.91
N SER A 225 -27.11 11.05 28.82
CA SER A 225 -27.99 11.44 27.73
C SER A 225 -27.36 12.56 26.92
N GLU A 226 -27.88 12.74 25.71
CA GLU A 226 -27.41 13.78 24.79
C GLU A 226 -28.42 14.92 24.83
N GLU A 227 -28.21 15.85 25.76
CA GLU A 227 -29.07 17.01 25.94
C GLU A 227 -28.20 18.25 26.09
N VAL A 228 -28.85 19.41 26.12
CA VAL A 228 -28.18 20.69 26.24
C VAL A 228 -28.39 21.21 27.66
N GLU A 229 -27.29 21.35 28.40
CA GLU A 229 -27.35 21.76 29.80
C GLU A 229 -27.84 23.20 29.94
N ALA A 230 -27.02 24.16 29.50
CA ALA A 230 -27.35 25.57 29.62
C ALA A 230 -26.65 26.35 28.51
N PRO A 231 -27.31 26.47 27.35
CA PRO A 231 -26.80 27.36 26.30
C PRO A 231 -27.04 28.84 26.58
N GLU A 232 -27.54 29.18 27.76
CA GLU A 232 -27.75 30.57 28.14
C GLU A 232 -26.41 31.18 28.53
N VAL A 233 -25.85 31.98 27.64
CA VAL A 233 -24.52 32.55 27.81
C VAL A 233 -24.64 34.07 27.94
N GLU A 234 -23.82 34.64 28.83
CA GLU A 234 -23.59 36.07 28.80
C GLU A 234 -22.59 36.34 27.69
N PRO A 235 -23.02 36.93 26.57
CA PRO A 235 -22.09 37.13 25.45
C PRO A 235 -20.96 38.07 25.84
N ARG A 236 -19.73 37.64 25.57
CA ARG A 236 -18.56 38.34 26.06
C ARG A 236 -17.34 37.89 25.27
N LEU A 237 -16.29 38.72 25.32
CA LEU A 237 -15.02 38.42 24.66
C LEU A 237 -14.03 37.93 25.71
N VAL A 238 -13.52 36.72 25.53
CA VAL A 238 -12.63 36.09 26.49
C VAL A 238 -11.39 35.59 25.78
N TYR A 239 -10.30 35.46 26.55
CA TYR A 239 -9.15 34.76 26.04
C TYR A 239 -9.49 33.29 25.83
N CYS A 240 -8.86 32.69 24.83
CA CYS A 240 -9.29 31.38 24.37
C CYS A 240 -9.02 30.31 25.43
N TYR A 241 -9.70 29.17 25.26
CA TYR A 241 -9.68 28.06 26.18
C TYR A 241 -9.91 26.80 25.36
N PRO A 242 -9.46 25.64 25.83
CA PRO A 242 -9.61 24.41 25.02
C PRO A 242 -11.07 24.11 24.72
N VAL A 243 -11.29 23.47 23.57
CA VAL A 243 -12.65 23.15 23.16
C VAL A 243 -13.24 22.14 24.15
N ARG A 244 -14.45 22.45 24.64
CA ARG A 244 -15.15 21.59 25.57
C ARG A 244 -16.21 20.78 24.82
N LEU A 245 -16.63 19.69 25.46
CA LEU A 245 -17.61 18.78 24.88
C LEU A 245 -18.90 18.83 25.69
N ALA A 246 -20.03 18.85 24.99
CA ALA A 246 -21.32 19.09 25.64
C ALA A 246 -21.70 17.92 26.55
N VAL A 247 -21.73 16.70 26.00
CA VAL A 247 -22.13 15.54 26.77
C VAL A 247 -21.05 15.20 27.79
N SER A 248 -21.48 14.86 29.01
CA SER A 248 -20.53 14.45 30.04
C SER A 248 -19.84 13.17 29.65
N ALA A 249 -18.56 13.07 30.01
CA ALA A 249 -17.79 11.87 29.69
C ALA A 249 -18.12 10.77 30.69
N PRO A 250 -18.19 9.52 30.22
CA PRO A 250 -18.49 8.41 31.13
C PRO A 250 -17.25 7.99 31.90
N PRO A 251 -17.37 7.07 32.85
CA PRO A 251 -16.17 6.45 33.42
C PRO A 251 -15.44 5.62 32.37
N MET A 252 -14.13 5.62 32.46
CA MET A 252 -13.33 4.96 31.46
C MET A 252 -12.95 3.55 31.90
N PRO A 253 -12.78 2.62 30.96
CA PRO A 253 -12.32 1.28 31.32
C PRO A 253 -10.88 1.32 31.81
N SER A 254 -10.48 0.24 32.47
CA SER A 254 -9.11 0.14 32.95
C SER A 254 -8.16 0.01 31.77
N VAL A 255 -6.94 0.51 31.96
CA VAL A 255 -5.93 0.56 30.91
C VAL A 255 -4.57 0.26 31.53
N GLU A 256 -3.78 -0.57 30.85
CA GLU A 256 -2.48 -1.00 31.34
C GLU A 256 -1.37 -0.19 30.69
N MET A 257 -0.36 0.17 31.48
CA MET A 257 0.75 0.99 31.00
C MET A 257 2.05 0.46 31.57
N HIS A 258 3.08 0.41 30.72
CA HIS A 258 4.42 0.03 31.16
C HIS A 258 5.44 0.75 30.30
N MET A 259 6.55 1.17 30.91
CA MET A 259 7.63 1.82 30.20
C MET A 259 8.78 0.84 29.99
N GLU A 260 9.34 0.88 28.78
CA GLU A 260 10.44 -0.03 28.39
C GLU A 260 11.53 0.82 27.75
N ASN A 261 12.55 1.15 28.53
CA ASN A 261 13.68 1.97 28.08
C ASN A 261 13.19 3.29 27.47
N ASN A 262 12.54 4.08 28.32
CA ASN A 262 12.11 5.45 28.00
C ASN A 262 11.05 5.49 26.90
N VAL A 263 10.27 4.42 26.76
CA VAL A 263 9.15 4.38 25.83
C VAL A 263 7.93 3.90 26.61
N VAL A 264 6.89 4.73 26.64
CA VAL A 264 5.67 4.41 27.38
C VAL A 264 4.75 3.60 26.49
N CYS A 265 4.42 2.39 26.93
CA CYS A 265 3.54 1.49 26.20
C CYS A 265 2.21 1.40 26.94
N ILE A 266 1.12 1.66 26.22
CA ILE A 266 -0.23 1.72 26.80
C ILE A 266 -1.11 0.73 26.04
N ARG A 267 -1.75 -0.17 26.78
CA ARG A 267 -2.53 -1.26 26.20
C ARG A 267 -3.98 -1.19 26.66
N TYR A 268 -4.89 -1.48 25.73
CA TYR A 268 -6.31 -1.68 26.04
C TYR A 268 -6.83 -2.80 25.16
N LYS A 269 -7.31 -3.87 25.80
CA LYS A 269 -7.75 -5.08 25.09
C LYS A 269 -6.66 -5.60 24.16
N GLY A 270 -5.42 -5.58 24.64
CA GLY A 270 -4.29 -6.04 23.86
C GLY A 270 -3.80 -5.07 22.81
N GLU A 271 -4.56 -4.03 22.48
CA GLU A 271 -4.13 -3.04 21.51
C GLU A 271 -3.19 -2.05 22.19
N MET A 272 -1.97 -1.94 21.67
CA MET A 272 -0.93 -1.14 22.30
C MET A 272 -0.63 0.11 21.47
N VAL A 273 -0.47 1.23 22.17
CA VAL A 273 0.06 2.46 21.58
C VAL A 273 1.32 2.84 22.34
N LYS A 274 2.26 3.45 21.63
CA LYS A 274 3.54 3.84 22.20
C LYS A 274 3.72 5.35 22.09
N VAL A 275 4.48 5.89 23.04
CA VAL A 275 4.88 7.30 23.01
C VAL A 275 6.13 7.42 23.87
N SER A 276 7.11 8.18 23.37
CA SER A 276 8.37 8.32 24.08
C SER A 276 8.15 9.04 25.41
N ARG A 277 9.15 8.94 26.28
CA ARG A 277 8.98 9.34 27.68
C ARG A 277 8.76 10.84 27.81
N ASN A 278 9.60 11.65 27.16
CA ASN A 278 9.48 13.09 27.30
C ASN A 278 8.15 13.60 26.74
N TYR A 279 7.66 12.99 25.66
CA TYR A 279 6.37 13.39 25.11
C TYR A 279 5.23 12.89 25.98
N PHE A 280 5.41 11.76 26.67
CA PHE A 280 4.41 11.34 27.65
C PHE A 280 4.33 12.35 28.79
N SER A 281 5.47 12.88 29.22
CA SER A 281 5.47 13.93 30.24
C SER A 281 4.82 15.21 29.72
N LYS A 282 4.99 15.50 28.43
CA LYS A 282 4.38 16.70 27.84
C LYS A 282 2.86 16.59 27.83
N LEU A 283 2.33 15.42 27.45
CA LEU A 283 0.88 15.23 27.48
C LEU A 283 0.34 15.37 28.91
N TRP A 284 1.13 14.98 29.90
CA TRP A 284 0.74 15.20 31.29
C TRP A 284 0.58 16.68 31.58
N LEU A 285 1.58 17.49 31.19
CA LEU A 285 1.50 18.93 31.40
C LEU A 285 0.33 19.54 30.66
N LEU A 286 0.13 19.14 29.40
CA LEU A 286 -1.01 19.63 28.64
C LEU A 286 -2.32 19.24 29.31
N TYR A 287 -2.43 17.99 29.78
CA TYR A 287 -3.64 17.54 30.44
C TYR A 287 -3.91 18.34 31.71
N ARG A 288 -2.86 18.60 32.49
CA ARG A 288 -3.03 19.40 33.71
C ARG A 288 -3.41 20.84 33.37
N TYR A 289 -2.88 21.38 32.28
CA TYR A 289 -3.16 22.75 31.88
C TYR A 289 -4.56 22.90 31.29
N SER A 290 -5.16 21.84 30.77
CA SER A 290 -6.30 21.97 29.89
C SER A 290 -7.56 21.26 30.35
N CYS A 291 -7.44 20.11 31.01
CA CYS A 291 -8.60 19.32 31.38
C CYS A 291 -9.22 19.84 32.67
N ILE A 292 -10.55 19.99 32.69
CA ILE A 292 -11.24 20.59 33.82
C ILE A 292 -12.36 19.69 34.33
N ASP A 293 -12.65 18.60 33.63
CA ASP A 293 -13.68 17.67 34.05
C ASP A 293 -13.14 16.42 34.71
N ASP A 294 -11.83 16.33 34.90
CA ASP A 294 -11.19 15.14 35.46
C ASP A 294 -10.52 15.54 36.77
N SER A 295 -11.33 15.61 37.83
CA SER A 295 -10.78 15.78 39.17
C SER A 295 -9.88 14.60 39.52
N ALA A 296 -8.74 14.88 40.15
CA ALA A 296 -7.64 13.96 40.43
C ALA A 296 -7.04 13.35 39.16
N PHE A 297 -7.52 13.71 37.97
CA PHE A 297 -6.93 13.29 36.70
C PHE A 297 -6.85 11.76 36.60
N GLU A 298 -7.98 11.11 36.88
CA GLU A 298 -8.10 9.66 36.86
C GLU A 298 -8.31 9.09 35.46
N ARG A 299 -8.68 9.93 34.49
CA ARG A 299 -8.92 9.50 33.12
C ARG A 299 -7.80 9.93 32.18
N PHE A 300 -6.65 10.31 32.71
CA PHE A 300 -5.52 10.70 31.88
C PHE A 300 -5.04 9.54 31.02
N LEU A 301 -4.71 8.41 31.63
CA LEU A 301 -4.18 7.27 30.89
C LEU A 301 -5.12 6.78 29.79
N PRO A 302 -6.41 6.52 30.05
CA PRO A 302 -7.27 6.06 28.95
C PRO A 302 -7.49 7.11 27.87
N ARG A 303 -7.48 8.40 28.23
CA ARG A 303 -7.60 9.44 27.22
C ARG A 303 -6.31 9.58 26.41
N VAL A 304 -5.17 9.28 27.01
CA VAL A 304 -3.93 9.22 26.24
C VAL A 304 -3.98 8.08 25.23
N TRP A 305 -4.56 6.94 25.63
CA TRP A 305 -4.69 5.81 24.71
C TRP A 305 -5.55 6.17 23.51
N CYS A 306 -6.70 6.82 23.75
CA CYS A 306 -7.54 7.27 22.64
C CYS A 306 -6.80 8.27 21.76
N LEU A 307 -6.05 9.19 22.37
CA LEU A 307 -5.34 10.20 21.59
C LEU A 307 -4.32 9.56 20.67
N LEU A 308 -3.48 8.67 21.20
CA LEU A 308 -2.46 8.02 20.37
C LEU A 308 -3.10 7.09 19.34
N ARG A 309 -4.18 6.40 19.73
CA ARG A 309 -4.87 5.54 18.77
C ARG A 309 -5.53 6.36 17.66
N ARG A 310 -6.05 7.54 18.01
CA ARG A 310 -6.66 8.39 16.99
C ARG A 310 -5.65 8.79 15.93
N TYR A 311 -4.51 9.33 16.34
CA TYR A 311 -3.51 9.76 15.38
C TYR A 311 -2.83 8.58 14.69
N GLN A 312 -2.97 7.38 15.25
CA GLN A 312 -2.48 6.19 14.54
C GLN A 312 -3.35 5.88 13.34
N MET A 313 -4.68 5.94 13.50
CA MET A 313 -5.58 5.74 12.37
C MET A 313 -5.33 6.80 11.30
N MET A 314 -5.23 8.07 11.71
CA MET A 314 -4.95 9.15 10.77
C MET A 314 -3.70 8.85 9.95
N PHE A 315 -2.62 8.47 10.62
CA PHE A 315 -1.40 8.01 9.96
C PHE A 315 -0.44 7.44 10.98
N GLN A 326 2.27 17.11 8.64
CA GLN A 326 3.49 17.73 8.11
C GLN A 326 4.55 17.83 9.20
N GLY A 327 5.67 18.48 8.88
CA GLY A 327 6.72 18.67 9.85
C GLY A 327 6.56 19.96 10.64
N SER A 328 7.20 20.00 11.80
CA SER A 328 7.12 21.14 12.70
C SER A 328 8.30 22.08 12.46
N LEU A 329 8.13 23.34 12.89
CA LEU A 329 9.20 24.31 12.82
C LEU A 329 10.22 24.05 13.92
N PRO A 330 11.48 24.46 13.72
CA PRO A 330 12.49 24.27 14.77
C PRO A 330 12.12 25.03 16.04
N VAL A 331 12.62 24.51 17.17
CA VAL A 331 12.33 25.11 18.46
C VAL A 331 12.78 26.57 18.50
N HIS A 332 13.96 26.85 17.97
CA HIS A 332 14.49 28.22 17.96
C HIS A 332 13.72 29.12 17.00
N VAL A 333 12.97 28.56 16.06
CA VAL A 333 12.15 29.38 15.18
C VAL A 333 10.88 29.80 15.88
N PHE A 334 10.30 28.91 16.69
CA PHE A 334 9.12 29.27 17.48
C PHE A 334 9.47 30.33 18.52
N GLU A 335 10.62 30.18 19.18
CA GLU A 335 11.05 31.18 20.15
C GLU A 335 11.15 32.56 19.52
N ALA A 336 11.63 32.63 18.28
CA ALA A 336 11.73 33.90 17.59
C ALA A 336 10.35 34.45 17.23
N LEU A 337 9.46 33.58 16.76
CA LEU A 337 8.11 34.04 16.41
C LEU A 337 7.38 34.60 17.61
N HIS A 338 7.55 33.97 18.78
CA HIS A 338 6.92 34.48 20.00
C HIS A 338 7.59 35.77 20.47
N ARG A 339 8.93 35.78 20.48
CA ARG A 339 9.65 36.94 20.99
C ARG A 339 9.47 38.14 20.07
N LEU A 340 9.49 37.93 18.75
CA LEU A 340 9.51 39.04 17.81
C LEU A 340 8.12 39.48 17.38
N PHE A 341 7.20 38.53 17.19
CA PHE A 341 5.88 38.84 16.64
C PHE A 341 4.74 38.44 17.57
N GLY A 342 5.03 38.11 18.83
CA GLY A 342 3.99 37.79 19.78
C GLY A 342 3.21 36.53 19.50
N VAL A 343 3.73 35.65 18.64
CA VAL A 343 3.02 34.42 18.30
C VAL A 343 2.87 33.57 19.55
N SER A 344 1.65 33.10 19.80
CA SER A 344 1.36 32.30 20.99
C SER A 344 0.49 31.09 20.67
N PHE A 345 0.23 30.82 19.40
CA PHE A 345 -0.85 29.92 19.02
C PHE A 345 -0.55 29.34 17.65
N GLU A 346 -0.80 28.04 17.49
CA GLU A 346 -0.62 27.35 16.23
C GLU A 346 -2.00 26.97 15.67
N CYS A 347 -2.23 27.32 14.40
CA CYS A 347 -3.51 27.03 13.77
C CYS A 347 -3.63 25.60 13.27
N PHE A 348 -2.51 24.89 13.08
CA PHE A 348 -2.53 23.50 12.65
C PHE A 348 -1.45 22.75 13.41
N ALA A 349 -1.86 21.95 14.39
CA ALA A 349 -0.94 21.20 15.22
C ALA A 349 -1.68 20.01 15.81
N SER A 350 -1.07 19.37 16.80
CA SER A 350 -1.66 18.26 17.52
C SER A 350 -1.08 18.27 18.91
N PRO A 351 -1.69 17.54 19.85
CA PRO A 351 -1.06 17.41 21.18
C PRO A 351 0.36 16.88 21.12
N LEU A 352 0.70 16.14 20.06
CA LEU A 352 2.00 15.49 19.99
C LEU A 352 3.08 16.39 19.41
N ASN A 353 2.74 17.34 18.55
CA ASN A 353 3.74 18.19 17.91
C ASN A 353 3.59 19.66 18.27
N CYS A 354 2.64 20.03 19.12
CA CYS A 354 2.40 21.43 19.43
C CYS A 354 3.54 22.02 20.25
N TYR A 355 3.86 23.29 19.99
CA TYR A 355 4.87 24.00 20.75
C TYR A 355 4.27 24.80 21.90
N PHE A 356 3.14 25.46 21.66
CA PHE A 356 2.42 26.17 22.70
C PHE A 356 1.36 25.27 23.31
N ARG A 357 0.81 25.70 24.45
CA ARG A 357 -0.26 24.97 25.09
C ARG A 357 -1.64 25.36 24.58
N GLN A 358 -1.71 26.23 23.58
CA GLN A 358 -2.94 26.56 22.89
C GLN A 358 -2.70 26.46 21.39
N TYR A 359 -3.61 25.79 20.70
CA TYR A 359 -3.42 25.46 19.29
C TYR A 359 -4.75 24.92 18.76
N CYS A 360 -4.81 24.74 17.44
CA CYS A 360 -5.94 24.11 16.78
C CYS A 360 -5.51 22.76 16.21
N SER A 361 -6.40 21.78 16.31
CA SER A 361 -6.12 20.44 15.82
C SER A 361 -7.40 19.84 15.26
N ALA A 362 -7.26 18.69 14.59
CA ALA A 362 -8.37 18.12 13.84
C ALA A 362 -9.47 17.59 14.75
N PHE A 363 -9.11 17.08 15.93
CA PHE A 363 -10.04 16.28 16.72
C PHE A 363 -10.33 16.92 18.06
N PRO A 364 -11.49 17.58 18.21
CA PRO A 364 -11.82 18.19 19.50
C PRO A 364 -12.15 17.19 20.59
N ASP A 365 -12.50 15.94 20.26
CA ASP A 365 -12.86 14.98 21.30
C ASP A 365 -11.63 14.44 22.01
N THR A 366 -10.57 14.13 21.27
CA THR A 366 -9.37 13.58 21.91
C THR A 366 -8.35 14.62 22.30
N ASP A 367 -8.31 15.77 21.59
CA ASP A 367 -7.23 16.72 21.79
C ASP A 367 -7.60 17.89 22.70
N GLY A 368 -8.89 18.18 22.90
CA GLY A 368 -9.26 19.29 23.75
C GLY A 368 -8.78 19.12 25.17
N TYR A 369 -8.79 17.89 25.67
CA TYR A 369 -8.24 17.61 27.00
C TYR A 369 -6.76 17.97 27.09
N PHE A 370 -6.08 18.09 25.94
CA PHE A 370 -4.65 18.37 25.90
C PHE A 370 -4.35 19.75 25.32
N GLY A 371 -5.33 20.65 25.33
CA GLY A 371 -5.09 22.04 24.97
C GLY A 371 -5.59 22.46 23.61
N SER A 372 -6.15 21.55 22.82
CA SER A 372 -6.61 21.92 21.49
C SER A 372 -7.86 22.78 21.57
N ARG A 373 -7.93 23.79 20.71
CA ARG A 373 -9.11 24.61 20.54
C ARG A 373 -10.04 24.07 19.46
N GLY A 374 -9.80 22.85 18.96
CA GLY A 374 -10.59 22.29 17.91
C GLY A 374 -10.10 22.71 16.54
N PRO A 375 -10.83 22.33 15.49
CA PRO A 375 -10.39 22.66 14.13
C PRO A 375 -10.26 24.15 13.90
N CYS A 376 -9.28 24.52 13.06
CA CYS A 376 -8.99 25.92 12.82
C CYS A 376 -10.18 26.64 12.18
N LEU A 377 -10.85 25.98 11.22
CA LEU A 377 -11.97 26.62 10.53
C LEU A 377 -13.13 26.90 11.47
N ASP A 378 -13.29 26.08 12.51
CA ASP A 378 -14.33 26.28 13.52
C ASP A 378 -13.89 27.21 14.64
N PHE A 379 -12.75 27.89 14.47
CA PHE A 379 -12.17 28.75 15.49
C PHE A 379 -12.11 30.17 14.91
N ALA A 380 -12.78 31.11 15.59
CA ALA A 380 -12.98 32.46 15.07
C ALA A 380 -12.36 33.49 16.02
N PRO A 381 -11.04 33.62 16.01
CA PRO A 381 -10.40 34.58 16.93
C PRO A 381 -10.60 36.02 16.48
N LEU A 382 -10.86 36.89 17.45
CA LEU A 382 -10.97 38.32 17.20
C LEU A 382 -9.66 39.05 17.40
N SER A 383 -8.74 38.48 18.18
CA SER A 383 -7.41 39.05 18.37
C SER A 383 -6.43 37.91 18.60
N GLY A 384 -5.16 38.21 18.42
CA GLY A 384 -4.10 37.25 18.67
C GLY A 384 -3.07 37.24 17.56
N SER A 385 -1.91 36.66 17.87
CA SER A 385 -0.81 36.49 16.92
C SER A 385 -0.60 35.01 16.69
N PHE A 386 -0.82 34.56 15.46
CA PHE A 386 -0.90 33.15 15.15
C PHE A 386 0.17 32.72 14.16
N GLU A 387 0.55 31.45 14.24
CA GLU A 387 1.39 30.78 13.25
C GLU A 387 0.56 29.70 12.59
N ALA A 388 0.74 29.53 11.27
CA ALA A 388 -0.06 28.58 10.50
C ALA A 388 0.86 27.78 9.60
N ASN A 389 0.92 26.46 9.83
CA ASN A 389 1.66 25.53 8.98
C ASN A 389 0.69 24.43 8.58
N PRO A 390 -0.15 24.69 7.59
CA PRO A 390 -1.26 23.78 7.29
C PRO A 390 -0.81 22.55 6.55
N PRO A 391 -1.56 21.46 6.63
CA PRO A 391 -1.26 20.29 5.79
C PRO A 391 -1.48 20.62 4.33
N PHE A 392 -0.78 19.90 3.45
CA PHE A 392 -0.87 20.19 2.03
C PHE A 392 -2.17 19.62 1.49
N CYS A 393 -3.16 20.50 1.31
CA CYS A 393 -4.47 20.15 0.78
C CYS A 393 -5.10 21.44 0.28
N GLU A 394 -5.19 21.61 -1.04
CA GLU A 394 -5.60 22.90 -1.59
C GLU A 394 -7.03 23.26 -1.22
N GLU A 395 -7.90 22.29 -0.94
CA GLU A 395 -9.24 22.63 -0.46
C GLU A 395 -9.18 23.18 0.96
N LEU A 396 -8.28 22.62 1.79
CA LEU A 396 -8.12 23.14 3.15
C LEU A 396 -7.39 24.48 3.14
N MET A 397 -6.37 24.62 2.29
CA MET A 397 -5.61 25.87 2.25
C MET A 397 -6.46 27.00 1.69
N ASP A 398 -7.28 26.73 0.67
CA ASP A 398 -8.17 27.75 0.14
C ASP A 398 -9.16 28.21 1.20
N ALA A 399 -9.78 27.25 1.90
CA ALA A 399 -10.70 27.59 2.97
C ALA A 399 -9.99 28.36 4.08
N MET A 400 -8.73 28.01 4.35
CA MET A 400 -7.97 28.70 5.38
C MET A 400 -7.75 30.17 5.02
N VAL A 401 -7.44 30.46 3.75
CA VAL A 401 -7.21 31.83 3.34
C VAL A 401 -8.47 32.66 3.44
N SER A 402 -9.60 32.12 2.95
CA SER A 402 -10.88 32.80 3.12
C SER A 402 -11.21 32.97 4.60
N HIS A 403 -10.93 31.95 5.42
CA HIS A 403 -11.22 32.02 6.84
C HIS A 403 -10.42 33.12 7.51
N PHE A 404 -9.11 33.18 7.23
CA PHE A 404 -8.26 34.22 7.82
C PHE A 404 -8.70 35.60 7.37
N GLU A 405 -9.01 35.77 6.08
CA GLU A 405 -9.36 37.08 5.56
C GLU A 405 -10.66 37.59 6.16
N ARG A 406 -11.65 36.70 6.33
CA ARG A 406 -12.87 37.08 7.03
C ARG A 406 -12.54 37.59 8.43
N LEU A 407 -11.63 36.91 9.14
CA LEU A 407 -11.28 37.33 10.49
C LEU A 407 -10.54 38.66 10.48
N LEU A 408 -9.64 38.86 9.53
CA LEU A 408 -8.90 40.13 9.48
C LEU A 408 -9.79 41.28 9.01
N GLU A 409 -10.81 40.98 8.20
CA GLU A 409 -11.74 42.02 7.75
C GLU A 409 -12.53 42.58 8.92
N SER A 410 -13.06 41.71 9.78
CA SER A 410 -14.17 42.02 10.67
C SER A 410 -13.76 42.20 12.12
N SER A 411 -12.51 42.63 12.37
CA SER A 411 -12.07 42.85 13.74
C SER A 411 -11.17 44.08 13.83
N PRO A 412 -11.50 45.02 14.73
CA PRO A 412 -10.58 46.15 14.98
C PRO A 412 -9.47 45.80 15.94
N GLU A 413 -9.47 44.60 16.51
CA GLU A 413 -8.43 44.20 17.45
C GLU A 413 -7.21 43.69 16.69
N PRO A 414 -6.02 43.79 17.30
CA PRO A 414 -4.80 43.35 16.60
C PRO A 414 -4.85 41.86 16.29
N LEU A 415 -4.65 41.54 15.01
CA LEU A 415 -4.77 40.17 14.52
C LEU A 415 -3.66 39.92 13.51
N SER A 416 -3.02 38.75 13.62
CA SER A 416 -1.86 38.47 12.77
C SER A 416 -1.76 36.97 12.52
N PHE A 417 -1.52 36.61 11.26
CA PHE A 417 -1.34 35.21 10.85
C PHE A 417 -0.06 35.11 10.04
N ILE A 418 0.92 34.39 10.57
CA ILE A 418 2.16 34.11 9.87
C ILE A 418 2.07 32.68 9.34
N VAL A 419 2.00 32.55 8.01
CA VAL A 419 1.67 31.30 7.35
C VAL A 419 2.92 30.75 6.68
N PHE A 420 3.23 29.48 6.95
CA PHE A 420 4.34 28.76 6.32
C PHE A 420 3.76 27.80 5.30
N ILE A 421 4.10 28.00 4.03
CA ILE A 421 3.64 27.14 2.95
C ILE A 421 4.84 26.67 2.13
N PRO A 422 5.16 25.38 2.12
CA PRO A 422 6.20 24.88 1.21
C PRO A 422 5.75 25.01 -0.23
N GLU A 423 6.59 25.63 -1.06
CA GLU A 423 6.33 25.76 -2.49
C GLU A 423 6.66 24.44 -3.21
N TRP A 424 5.93 23.40 -2.82
CA TRP A 424 6.17 22.06 -3.37
C TRP A 424 5.83 21.98 -4.85
N ARG A 425 4.86 22.76 -5.30
CA ARG A 425 4.43 22.75 -6.69
C ARG A 425 4.99 23.97 -7.42
N GLU A 426 5.56 23.73 -8.60
CA GLU A 426 6.03 24.84 -9.44
C GLU A 426 4.86 25.55 -10.11
N PRO A 427 3.77 24.86 -10.45
CA PRO A 427 2.50 25.55 -10.61
C PRO A 427 1.90 25.85 -9.25
N PRO A 428 2.03 27.08 -8.77
CA PRO A 428 1.65 27.37 -7.38
C PRO A 428 0.14 27.27 -7.19
N THR A 429 -0.24 26.69 -6.06
CA THR A 429 -1.65 26.59 -5.71
C THR A 429 -2.26 27.98 -5.62
N PRO A 430 -3.52 28.16 -6.02
CA PRO A 430 -4.18 29.45 -5.81
C PRO A 430 -4.21 29.86 -4.35
N ALA A 431 -4.11 28.90 -3.43
CA ALA A 431 -4.01 29.23 -2.01
C ALA A 431 -2.84 30.17 -1.74
N LEU A 432 -1.65 29.79 -2.20
CA LEU A 432 -0.50 30.66 -2.05
C LEU A 432 -0.67 31.93 -2.87
N THR A 433 -1.21 31.81 -4.08
CA THR A 433 -1.43 32.98 -4.93
C THR A 433 -2.41 33.95 -4.29
N ARG A 434 -3.47 33.43 -3.67
CA ARG A 434 -4.44 34.30 -3.01
C ARG A 434 -3.79 35.06 -1.86
N MET A 435 -2.94 34.39 -1.07
CA MET A 435 -2.27 35.06 0.03
C MET A 435 -1.29 36.12 -0.46
N GLU A 436 -0.69 35.91 -1.64
CA GLU A 436 0.24 36.90 -2.18
C GLU A 436 -0.48 38.19 -2.55
N GLN A 437 -1.68 38.08 -3.11
CA GLN A 437 -2.48 39.24 -3.48
C GLN A 437 -3.33 39.78 -2.35
N SER A 438 -3.29 39.15 -1.17
CA SER A 438 -4.11 39.62 -0.06
C SER A 438 -3.71 41.02 0.35
N ARG A 439 -4.71 41.86 0.62
CA ARG A 439 -4.48 43.22 1.08
C ARG A 439 -3.98 43.29 2.51
N PHE A 440 -3.96 42.16 3.22
CA PHE A 440 -3.41 42.08 4.56
C PHE A 440 -1.97 41.60 4.58
N LYS A 441 -1.41 41.25 3.41
CA LYS A 441 -0.03 40.81 3.33
C LYS A 441 0.90 41.99 3.59
N ARG A 442 1.64 41.93 4.71
CA ARG A 442 2.59 42.97 5.06
C ARG A 442 4.02 42.63 4.67
N HIS A 443 4.32 41.36 4.46
CA HIS A 443 5.63 40.93 4.00
C HIS A 443 5.52 39.51 3.48
N GLN A 444 6.40 39.18 2.53
CA GLN A 444 6.53 37.81 2.03
C GLN A 444 8.00 37.43 2.07
N LEU A 445 8.30 36.29 2.70
CA LEU A 445 9.66 35.85 2.96
C LEU A 445 9.84 34.45 2.40
N ILE A 446 11.02 34.19 1.83
CA ILE A 446 11.34 32.91 1.23
C ILE A 446 12.50 32.29 1.98
N LEU A 447 12.25 31.13 2.60
CA LEU A 447 13.32 30.33 3.18
C LEU A 447 13.91 29.44 2.10
N PRO A 448 15.20 29.56 1.78
CA PRO A 448 15.74 28.84 0.62
C PRO A 448 15.78 27.34 0.85
N ALA A 449 15.55 26.60 -0.23
CA ALA A 449 15.67 25.14 -0.18
C ALA A 449 17.08 24.75 0.24
N PHE A 450 17.17 23.63 0.96
CA PHE A 450 18.41 23.09 1.51
C PHE A 450 19.07 24.05 2.50
N GLU A 451 18.38 25.09 2.96
CA GLU A 451 18.96 26.08 3.86
C GLU A 451 18.07 26.38 5.06
N HIS A 452 17.09 25.52 5.35
CA HIS A 452 16.34 25.60 6.58
C HIS A 452 15.82 24.21 6.94
N GLU A 453 15.54 24.02 8.21
CA GLU A 453 15.22 22.71 8.76
C GLU A 453 13.77 22.62 9.21
N TYR A 454 13.28 21.39 9.32
CA TYR A 454 12.00 21.08 9.94
C TYR A 454 12.21 19.99 10.97
N ARG A 455 11.20 19.81 11.82
CA ARG A 455 11.19 18.75 12.82
C ARG A 455 10.32 17.60 12.33
N SER A 456 10.74 16.37 12.67
CA SER A 456 10.08 15.18 12.16
C SER A 456 8.63 15.12 12.58
N GLY A 457 7.76 14.71 11.64
CA GLY A 457 6.35 14.56 11.93
C GLY A 457 6.03 13.44 12.90
N SER A 458 6.93 12.46 13.03
CA SER A 458 6.80 11.40 14.02
C SER A 458 7.69 11.67 15.24
N GLN A 459 7.75 12.92 15.68
CA GLN A 459 8.67 13.32 16.75
C GLN A 459 8.29 12.75 18.11
N HIS A 460 7.09 12.17 18.24
CA HIS A 460 6.64 11.68 19.53
C HIS A 460 7.18 10.29 19.88
N ILE A 461 7.80 9.59 18.93
CA ILE A 461 8.40 8.29 19.21
C ILE A 461 9.81 8.23 18.63
N CYS A 462 10.14 9.15 17.73
CA CYS A 462 11.44 9.10 17.07
C CYS A 462 12.54 9.64 17.97
N LYS A 463 13.75 9.11 17.77
CA LYS A 463 14.89 9.48 18.59
C LYS A 463 15.36 10.90 18.26
N LYS A 464 16.31 11.39 19.05
CA LYS A 464 16.83 12.74 18.85
C LYS A 464 17.58 12.85 17.53
N GLU A 465 18.26 11.77 17.12
CA GLU A 465 19.08 11.81 15.91
C GLU A 465 18.23 11.84 14.65
N GLU A 466 16.95 11.47 14.74
CA GLU A 466 16.03 11.51 13.61
C GLU A 466 15.10 12.72 13.67
N MET A 467 15.34 13.65 14.59
CA MET A 467 14.39 14.73 14.83
C MET A 467 14.34 15.69 13.64
N HIS A 468 15.48 16.22 13.24
CA HIS A 468 15.55 17.34 12.31
C HIS A 468 15.98 16.88 10.93
N TYR A 469 15.34 17.46 9.91
CA TYR A 469 15.69 17.22 8.52
C TYR A 469 15.70 18.55 7.79
N LYS A 470 16.56 18.65 6.77
CA LYS A 470 16.68 19.88 6.01
C LYS A 470 15.58 19.95 4.96
N ALA A 471 14.92 21.10 4.89
CA ALA A 471 13.83 21.28 3.92
C ALA A 471 14.37 21.26 2.50
N VAL A 472 13.79 20.41 1.67
CA VAL A 472 14.27 20.23 0.31
C VAL A 472 13.66 21.24 -0.65
N HIS A 473 12.57 21.88 -0.29
CA HIS A 473 11.93 22.89 -1.12
C HIS A 473 11.97 24.24 -0.43
N ASN A 474 11.69 25.29 -1.21
CA ASN A 474 11.52 26.61 -0.62
C ASN A 474 10.27 26.64 0.25
N THR A 475 10.30 27.49 1.27
CA THR A 475 9.14 27.74 2.11
C THR A 475 8.80 29.21 2.03
N ALA A 476 7.56 29.51 1.64
CA ALA A 476 7.06 30.87 1.64
C ALA A 476 6.48 31.20 3.01
N VAL A 477 6.88 32.34 3.56
CA VAL A 477 6.41 32.79 4.86
C VAL A 477 5.72 34.14 4.64
N LEU A 478 4.42 34.19 4.91
CA LEU A 478 3.61 35.37 4.61
C LEU A 478 3.02 35.92 5.90
N PHE A 479 3.07 37.25 6.04
CA PHE A 479 2.59 37.96 7.22
C PHE A 479 1.25 38.61 6.86
N LEU A 480 0.17 38.01 7.34
CA LEU A 480 -1.18 38.51 7.10
C LEU A 480 -1.67 39.20 8.36
N GLN A 481 -1.74 40.52 8.34
CA GLN A 481 -2.04 41.32 9.52
C GLN A 481 -3.00 42.44 9.16
N ASN A 482 -3.98 42.67 10.04
CA ASN A 482 -4.81 43.86 9.91
C ASN A 482 -4.04 45.06 10.47
N ASP A 483 -4.63 46.25 10.33
CA ASP A 483 -3.96 47.48 10.76
C ASP A 483 -3.51 47.46 12.20
N PRO A 484 -4.35 47.15 13.20
CA PRO A 484 -3.83 47.06 14.57
C PRO A 484 -2.83 45.94 14.77
N GLY A 485 -3.02 44.80 14.08
CA GLY A 485 -2.04 43.74 14.16
C GLY A 485 -0.72 44.14 13.53
N PHE A 486 -0.77 44.90 12.43
CA PHE A 486 0.46 45.40 11.82
C PHE A 486 1.14 46.45 12.69
N ALA A 487 0.36 47.26 13.40
CA ALA A 487 0.95 48.25 14.30
C ALA A 487 1.71 47.59 15.44
N LYS A 488 1.25 46.43 15.90
CA LYS A 488 1.81 45.79 17.08
C LYS A 488 2.89 44.76 16.76
N TRP A 489 2.77 44.06 15.64
CA TRP A 489 3.68 42.97 15.29
C TRP A 489 4.22 43.12 13.87
N ALA A 490 4.58 44.34 13.49
CA ALA A 490 4.99 44.61 12.12
C ALA A 490 6.25 43.81 11.78
N PRO A 491 6.35 43.30 10.56
CA PRO A 491 7.62 42.67 10.10
C PRO A 491 8.64 43.73 9.73
N THR A 492 9.19 44.40 10.75
CA THR A 492 10.19 45.43 10.53
C THR A 492 11.47 44.78 9.97
N PRO A 493 12.35 45.58 9.35
CA PRO A 493 13.62 45.00 8.88
C PRO A 493 14.44 44.37 9.98
N GLU A 494 14.48 45.00 11.17
CA GLU A 494 15.27 44.46 12.27
C GLU A 494 14.64 43.20 12.85
N ARG A 495 13.30 43.11 12.86
CA ARG A 495 12.65 41.89 13.32
C ARG A 495 12.84 40.76 12.32
N LEU A 496 12.77 41.07 11.02
CA LEU A 496 13.07 40.06 10.01
C LEU A 496 14.52 39.64 10.07
N GLN A 497 15.40 40.51 10.58
CA GLN A 497 16.80 40.15 10.74
C GLN A 497 16.96 39.01 11.74
N GLU A 498 16.36 39.16 12.92
CA GLU A 498 16.51 38.14 13.97
C GLU A 498 15.76 36.86 13.63
N LEU A 499 14.73 36.93 12.79
CA LEU A 499 13.97 35.73 12.45
C LEU A 499 14.79 34.79 11.57
N SER A 500 15.39 35.32 10.51
CA SER A 500 16.23 34.48 9.64
C SER A 500 17.46 33.99 10.38
N ALA A 501 17.94 34.77 11.37
CA ALA A 501 19.08 34.32 12.17
C ALA A 501 18.75 33.08 12.97
N ALA A 502 17.49 32.92 13.37
CA ALA A 502 17.07 31.73 14.08
C ALA A 502 17.07 30.48 13.21
N TYR A 503 17.20 30.64 11.89
CA TYR A 503 17.31 29.50 10.99
C TYR A 503 18.75 29.10 10.71
N ARG A 504 19.68 30.04 10.78
CA ARG A 504 21.10 29.73 10.57
C ARG A 504 21.72 29.15 11.84
N GLU B 1 -22.66 -15.17 -36.32
CA GLU B 1 -21.92 -14.76 -35.14
C GLU B 1 -22.86 -14.27 -34.04
N ASN B 2 -23.29 -15.19 -33.17
CA ASN B 2 -24.14 -14.86 -32.03
C ASN B 2 -23.59 -15.60 -30.81
N LEU B 3 -22.85 -14.87 -29.98
CA LEU B 3 -22.29 -15.48 -28.77
C LEU B 3 -23.40 -15.87 -27.81
N TYR B 4 -23.19 -16.97 -27.08
CA TYR B 4 -24.11 -17.37 -26.03
C TYR B 4 -24.39 -16.20 -25.08
N PHE B 5 -23.33 -15.55 -24.61
CA PHE B 5 -23.45 -14.32 -23.86
C PHE B 5 -22.18 -13.51 -24.11
N GLN B 6 -22.09 -12.34 -23.47
CA GLN B 6 -20.87 -11.56 -23.54
C GLN B 6 -19.79 -12.20 -22.67
N GLY B 7 -18.61 -12.39 -23.24
CA GLY B 7 -17.58 -13.17 -22.58
C GLY B 7 -17.77 -14.67 -22.75
N SER B 8 -18.36 -15.10 -23.86
CA SER B 8 -18.66 -16.50 -24.11
C SER B 8 -17.49 -17.26 -24.70
N HIS B 9 -16.30 -16.66 -24.78
CA HIS B 9 -15.13 -17.38 -25.24
C HIS B 9 -14.63 -18.31 -24.15
N VAL B 10 -14.05 -19.43 -24.58
CA VAL B 10 -13.43 -20.37 -23.66
C VAL B 10 -11.93 -20.31 -23.85
N TYR B 11 -11.20 -20.47 -22.76
CA TYR B 11 -9.74 -20.32 -22.72
C TYR B 11 -9.10 -21.58 -22.15
N TRP B 12 -9.62 -22.74 -22.57
CA TRP B 12 -9.22 -24.01 -22.00
C TRP B 12 -9.68 -25.12 -22.94
N ASP B 13 -9.09 -26.31 -22.76
CA ASP B 13 -9.49 -27.52 -23.47
C ASP B 13 -9.45 -28.67 -22.46
N LEU B 14 -10.52 -28.80 -21.70
CA LEU B 14 -10.60 -29.81 -20.65
C LEU B 14 -10.80 -31.23 -21.19
N ASP B 15 -10.74 -31.44 -22.50
CA ASP B 15 -10.87 -32.78 -23.07
C ASP B 15 -9.53 -33.48 -23.22
N ILE B 16 -8.42 -32.74 -23.22
CA ILE B 16 -7.11 -33.35 -23.30
C ILE B 16 -6.86 -34.20 -22.06
N GLN B 17 -6.52 -35.47 -22.27
CA GLN B 17 -6.18 -36.35 -21.17
C GLN B 17 -4.70 -36.26 -20.86
N THR B 18 -4.36 -36.56 -19.61
CA THR B 18 -2.97 -36.44 -19.19
C THR B 18 -2.11 -37.53 -19.80
N ASN B 19 -0.85 -37.20 -20.05
CA ASN B 19 0.19 -38.19 -20.29
C ASN B 19 1.22 -38.19 -19.18
N ALA B 20 0.93 -37.52 -18.08
CA ALA B 20 1.81 -37.50 -16.92
C ALA B 20 1.67 -38.80 -16.14
N VAL B 21 2.80 -39.41 -15.82
CA VAL B 21 2.84 -40.68 -15.10
C VAL B 21 3.61 -40.47 -13.81
N ILE B 22 3.03 -40.89 -12.69
CA ILE B 22 3.68 -40.85 -11.39
C ILE B 22 3.60 -42.23 -10.78
N LYS B 23 4.45 -42.45 -9.77
CA LYS B 23 4.23 -43.55 -8.85
C LYS B 23 3.03 -43.21 -7.99
N HIS B 24 2.11 -44.16 -7.83
CA HIS B 24 0.90 -43.89 -7.06
C HIS B 24 1.28 -43.47 -5.65
N ARG B 25 0.69 -42.36 -5.19
CA ARG B 25 1.04 -41.75 -3.93
C ARG B 25 -0.18 -41.70 -3.01
N GLY B 26 0.10 -41.65 -1.71
CA GLY B 26 -0.94 -41.54 -0.71
C GLY B 26 -1.45 -40.12 -0.60
N PRO B 27 -2.57 -39.98 0.13
CA PRO B 27 -3.25 -38.68 0.17
C PRO B 27 -2.42 -37.64 0.89
N SER B 28 -2.55 -36.40 0.44
CA SER B 28 -1.94 -35.27 1.12
C SER B 28 -2.57 -35.09 2.50
N GLU B 29 -1.76 -34.64 3.46
CA GLU B 29 -2.22 -34.50 4.83
C GLU B 29 -2.97 -33.19 5.08
N VAL B 30 -3.06 -32.32 4.08
CA VAL B 30 -3.76 -31.05 4.25
C VAL B 30 -5.25 -31.31 4.44
N LEU B 31 -5.87 -30.56 5.34
CA LEU B 31 -7.26 -30.77 5.68
C LEU B 31 -8.18 -30.25 4.58
N PRO B 32 -9.36 -30.83 4.43
CA PRO B 32 -10.33 -30.32 3.45
C PRO B 32 -10.75 -28.90 3.80
N PRO B 33 -11.00 -28.06 2.80
CA PRO B 33 -11.34 -26.66 3.07
C PRO B 33 -12.74 -26.53 3.66
N HIS B 34 -12.92 -25.44 4.42
CA HIS B 34 -14.19 -25.14 5.07
C HIS B 34 -14.34 -23.63 5.07
N PRO B 35 -15.53 -23.10 4.75
CA PRO B 35 -15.68 -21.63 4.66
C PRO B 35 -15.35 -20.91 5.94
N GLU B 36 -15.74 -21.47 7.09
CA GLU B 36 -15.43 -20.84 8.37
C GLU B 36 -13.93 -20.74 8.59
N VAL B 37 -13.16 -21.72 8.11
CA VAL B 37 -11.71 -21.67 8.27
C VAL B 37 -11.11 -20.70 7.25
N GLU B 38 -11.62 -20.70 6.02
CA GLU B 38 -11.14 -19.75 5.02
C GLU B 38 -11.45 -18.32 5.44
N LEU B 39 -12.60 -18.11 6.07
CA LEU B 39 -12.95 -16.78 6.57
C LEU B 39 -11.91 -16.30 7.58
N LEU B 40 -11.51 -17.15 8.51
CA LEU B 40 -10.49 -16.78 9.49
C LEU B 40 -9.13 -16.63 8.82
N ARG B 41 -8.83 -17.45 7.82
CA ARG B 41 -7.53 -17.38 7.15
C ARG B 41 -7.37 -16.05 6.41
N SER B 42 -8.47 -15.54 5.83
CA SER B 42 -8.39 -14.30 5.06
C SER B 42 -8.13 -13.10 5.96
N GLN B 43 -8.80 -13.05 7.12
CA GLN B 43 -8.63 -11.91 8.01
C GLN B 43 -7.30 -11.95 8.76
N LEU B 44 -6.69 -13.13 8.91
CA LEU B 44 -5.34 -13.19 9.45
C LEU B 44 -4.29 -12.82 8.40
N ILE B 45 -4.59 -13.06 7.12
CA ILE B 45 -3.71 -12.61 6.05
C ILE B 45 -3.68 -11.09 6.01
N LEU B 46 -4.86 -10.46 6.09
CA LEU B 46 -4.94 -9.00 6.11
C LEU B 46 -4.16 -8.43 7.29
N LYS B 47 -4.35 -9.02 8.48
CA LYS B 47 -3.60 -8.59 9.65
C LYS B 47 -2.10 -8.74 9.45
N LEU B 48 -1.68 -9.84 8.82
CA LEU B 48 -0.26 -10.05 8.58
C LEU B 48 0.28 -9.00 7.61
N ARG B 49 -0.50 -8.64 6.59
CA ARG B 49 -0.09 -7.56 5.70
C ARG B 49 -0.03 -6.23 6.43
N GLN B 50 -0.92 -6.02 7.41
CA GLN B 50 -0.89 -4.77 8.18
C GLN B 50 0.27 -4.74 9.16
N HIS B 51 0.56 -5.87 9.82
CA HIS B 51 1.76 -5.96 10.65
C HIS B 51 3.01 -5.66 9.82
N TYR B 52 3.04 -6.16 8.58
CA TYR B 52 4.22 -5.99 7.74
C TYR B 52 4.43 -4.53 7.38
N ARG B 53 3.36 -3.82 7.01
CA ARG B 53 3.52 -2.41 6.65
C ARG B 53 3.77 -1.55 7.89
N GLU B 54 3.27 -1.97 9.06
CA GLU B 54 3.62 -1.25 10.28
C GLU B 54 5.10 -1.43 10.62
N LEU B 55 5.62 -2.64 10.49
CA LEU B 55 7.02 -2.88 10.85
C LEU B 55 7.96 -2.09 9.96
N CYS B 56 7.71 -2.08 8.65
CA CYS B 56 8.57 -1.34 7.74
C CYS B 56 8.54 0.15 8.02
N GLN B 57 7.39 0.67 8.45
CA GLN B 57 7.26 2.11 8.66
C GLN B 57 7.92 2.56 9.96
N GLN B 58 7.55 1.96 11.09
CA GLN B 58 8.05 2.45 12.37
C GLN B 58 9.45 1.96 12.71
N ARG B 59 10.06 1.14 11.86
CA ARG B 59 11.44 0.70 12.06
C ARG B 59 12.40 1.14 10.96
N GLU B 60 11.89 1.49 9.78
CA GLU B 60 12.75 1.99 8.71
C GLU B 60 12.18 3.19 7.97
N GLY B 61 10.99 3.66 8.33
CA GLY B 61 10.42 4.83 7.68
C GLY B 61 10.10 4.65 6.21
N ILE B 62 9.78 3.42 5.80
CA ILE B 62 9.50 3.12 4.41
C ILE B 62 8.19 2.33 4.31
N GLU B 63 7.53 2.45 3.18
CA GLU B 63 6.47 1.51 2.87
C GLU B 63 7.10 0.20 2.38
N PRO B 64 6.42 -0.93 2.57
CA PRO B 64 6.92 -2.20 2.06
C PRO B 64 7.06 -2.14 0.55
N PRO B 65 8.13 -2.68 -0.01
CA PRO B 65 8.26 -2.72 -1.47
C PRO B 65 7.09 -3.48 -2.08
N ARG B 66 6.57 -2.93 -3.19
CA ARG B 66 5.39 -3.49 -3.82
C ARG B 66 5.58 -4.97 -4.13
N GLU B 67 4.61 -5.78 -3.69
CA GLU B 67 4.54 -7.22 -3.93
C GLU B 67 5.62 -8.01 -3.20
N SER B 68 6.42 -7.37 -2.36
CA SER B 68 7.44 -8.12 -1.61
C SER B 68 6.80 -9.11 -0.65
N PHE B 69 5.64 -8.77 -0.08
CA PHE B 69 4.97 -9.70 0.83
C PHE B 69 4.47 -10.93 0.09
N ASN B 70 3.92 -10.74 -1.12
CA ASN B 70 3.53 -11.89 -1.94
C ASN B 70 4.74 -12.70 -2.36
N ARG B 71 5.82 -12.02 -2.76
CA ARG B 71 7.08 -12.70 -3.06
C ARG B 71 7.60 -13.44 -1.84
N TRP B 72 7.35 -12.90 -0.64
CA TRP B 72 7.73 -13.57 0.60
C TRP B 72 6.95 -14.87 0.79
N MET B 73 5.66 -14.85 0.44
CA MET B 73 4.84 -16.05 0.60
C MET B 73 5.34 -17.18 -0.28
N LEU B 74 5.81 -16.87 -1.49
CA LEU B 74 6.32 -17.89 -2.38
C LEU B 74 7.63 -18.47 -1.87
N GLU B 75 8.58 -17.60 -1.50
CA GLU B 75 9.88 -18.05 -1.05
C GLU B 75 9.76 -18.92 0.20
N ARG B 76 8.94 -18.49 1.16
CA ARG B 76 8.74 -19.28 2.37
C ARG B 76 8.19 -20.66 2.05
N LYS B 77 7.29 -20.76 1.07
CA LYS B 77 6.67 -22.03 0.76
C LYS B 77 7.64 -23.01 0.10
N VAL B 78 8.73 -22.53 -0.50
CA VAL B 78 9.71 -23.43 -1.08
C VAL B 78 10.41 -24.24 0.02
N VAL B 79 10.64 -23.61 1.17
CA VAL B 79 11.33 -24.26 2.27
C VAL B 79 10.41 -24.64 3.42
N ASP B 80 9.16 -24.18 3.42
CA ASP B 80 8.28 -24.42 4.56
C ASP B 80 7.99 -25.91 4.73
N LYS B 81 8.37 -26.45 5.89
CA LYS B 81 8.00 -27.80 6.26
C LYS B 81 6.75 -27.83 7.13
N GLY B 82 6.07 -26.70 7.27
CA GLY B 82 4.84 -26.63 8.04
C GLY B 82 3.68 -27.28 7.31
N SER B 83 2.49 -27.11 7.90
CA SER B 83 1.29 -27.78 7.43
C SER B 83 0.28 -26.87 6.75
N ASP B 84 0.31 -25.57 7.01
CA ASP B 84 -0.69 -24.67 6.44
C ASP B 84 -0.43 -24.47 4.95
N PRO B 85 -1.45 -24.58 4.09
CA PRO B 85 -1.22 -24.46 2.65
C PRO B 85 -0.87 -23.05 2.20
N LEU B 86 -1.25 -22.02 2.95
CA LEU B 86 -1.01 -20.63 2.56
C LEU B 86 0.09 -19.96 3.37
N LEU B 87 0.07 -20.10 4.69
CA LEU B 87 1.01 -19.39 5.53
C LEU B 87 2.20 -20.27 5.90
N PRO B 88 3.39 -19.69 5.99
CA PRO B 88 4.55 -20.46 6.46
C PRO B 88 4.48 -20.71 7.95
N SER B 89 5.05 -21.85 8.36
CA SER B 89 4.94 -22.26 9.76
C SER B 89 6.27 -22.74 10.31
N ASN B 90 7.00 -23.55 9.55
CA ASN B 90 8.26 -24.15 9.99
C ASN B 90 9.29 -23.97 8.87
N CYS B 91 10.13 -22.95 9.00
CA CYS B 91 11.08 -22.59 7.96
C CYS B 91 12.48 -22.46 8.53
N GLU B 92 13.47 -22.76 7.68
CA GLU B 92 14.88 -22.57 7.97
C GLU B 92 15.56 -22.04 6.71
N PRO B 93 16.18 -20.85 6.77
CA PRO B 93 16.30 -19.99 7.95
C PRO B 93 15.01 -19.23 8.27
N VAL B 94 14.88 -18.75 9.50
CA VAL B 94 13.71 -17.97 9.89
C VAL B 94 13.62 -16.70 9.05
N VAL B 95 14.76 -16.07 8.79
CA VAL B 95 14.80 -14.84 8.00
C VAL B 95 14.76 -15.19 6.52
N SER B 96 13.82 -14.59 5.80
CA SER B 96 13.68 -14.85 4.38
C SER B 96 14.70 -14.04 3.59
N PRO B 97 15.50 -14.67 2.73
CA PRO B 97 16.40 -13.88 1.87
C PRO B 97 15.66 -12.99 0.90
N SER B 98 14.44 -13.38 0.50
CA SER B 98 13.65 -12.57 -0.43
C SER B 98 13.25 -11.25 0.21
N MET B 99 12.57 -11.31 1.37
CA MET B 99 12.12 -10.09 2.02
C MET B 99 13.28 -9.23 2.50
N PHE B 100 14.39 -9.86 2.88
CA PHE B 100 15.54 -9.09 3.38
C PHE B 100 16.09 -8.16 2.29
N ARG B 101 16.38 -8.71 1.11
CA ARG B 101 16.97 -7.90 0.06
C ARG B 101 16.00 -6.86 -0.49
N GLU B 102 14.69 -7.17 -0.50
CA GLU B 102 13.72 -6.20 -0.99
C GLU B 102 13.59 -5.02 -0.04
N ILE B 103 13.53 -5.28 1.27
CA ILE B 103 13.53 -4.19 2.24
C ILE B 103 14.84 -3.43 2.19
N MET B 104 15.97 -4.14 2.11
CA MET B 104 17.28 -3.51 2.15
C MET B 104 17.54 -2.64 0.94
N ASN B 105 16.98 -3.00 -0.22
CA ASN B 105 17.18 -2.20 -1.43
C ASN B 105 16.56 -0.81 -1.30
N ASP B 106 15.54 -0.68 -0.44
CA ASP B 106 14.81 0.56 -0.29
C ASP B 106 15.23 1.38 0.92
N ILE B 107 16.34 1.04 1.56
CA ILE B 107 16.83 1.84 2.68
C ILE B 107 18.25 2.29 2.37
N PRO B 108 18.68 3.49 2.82
CA PRO B 108 17.95 4.44 3.67
C PRO B 108 16.66 5.01 3.07
N ILE B 109 16.64 5.25 1.77
CA ILE B 109 15.45 5.75 1.08
C ILE B 109 15.17 4.88 -0.14
N ARG B 110 13.90 4.65 -0.42
CA ARG B 110 13.51 4.07 -1.71
C ARG B 110 13.82 5.06 -2.82
N LEU B 111 14.73 4.67 -3.70
CA LEU B 111 15.11 5.55 -4.80
C LEU B 111 13.99 5.63 -5.82
N SER B 112 13.65 6.86 -6.21
CA SER B 112 12.71 7.10 -7.29
C SER B 112 13.47 7.50 -8.54
N ARG B 113 12.96 7.07 -9.70
CA ARG B 113 13.49 7.58 -10.95
C ARG B 113 13.17 9.07 -11.06
N ILE B 114 14.04 9.81 -11.74
CA ILE B 114 14.03 11.26 -11.71
C ILE B 114 13.78 11.80 -13.11
N LYS B 115 12.95 12.84 -13.20
CA LYS B 115 12.58 13.43 -14.48
C LYS B 115 13.11 14.83 -14.71
N PHE B 116 13.58 15.51 -13.67
CA PHE B 116 13.98 16.90 -13.77
C PHE B 116 15.37 17.10 -13.17
N ARG B 117 15.93 18.29 -13.42
CA ARG B 117 17.20 18.68 -12.81
C ARG B 117 17.03 18.92 -11.32
N GLU B 118 15.97 19.65 -10.93
CA GLU B 118 15.75 19.92 -9.52
C GLU B 118 15.43 18.65 -8.75
N GLU B 119 14.69 17.72 -9.37
CA GLU B 119 14.34 16.48 -8.68
C GLU B 119 15.58 15.66 -8.34
N ALA B 120 16.58 15.67 -9.24
CA ALA B 120 17.80 14.91 -8.98
C ALA B 120 18.55 15.47 -7.78
N LYS B 121 18.66 16.79 -7.69
CA LYS B 121 19.29 17.43 -6.53
C LYS B 121 18.57 17.04 -5.25
N ARG B 122 17.24 16.92 -5.30
CA ARG B 122 16.48 16.52 -4.13
C ARG B 122 16.86 15.11 -3.67
N LEU B 123 16.77 14.13 -4.58
CA LEU B 123 17.01 12.74 -4.21
C LEU B 123 18.45 12.54 -3.77
N LEU B 124 19.39 13.24 -4.41
CA LEU B 124 20.78 13.18 -3.98
C LEU B 124 20.93 13.70 -2.55
N PHE B 125 20.35 14.86 -2.28
CA PHE B 125 20.42 15.43 -0.93
C PHE B 125 19.75 14.52 0.08
N LYS B 126 18.52 14.07 -0.21
CA LYS B 126 17.77 13.26 0.74
C LYS B 126 18.50 11.96 1.05
N TYR B 127 19.11 11.34 0.04
CA TYR B 127 19.86 10.11 0.30
C TYR B 127 21.06 10.39 1.20
N ALA B 128 21.83 11.44 0.88
CA ALA B 128 22.99 11.78 1.70
C ALA B 128 22.58 12.10 3.13
N GLU B 129 21.44 12.74 3.30
CA GLU B 129 20.94 13.04 4.65
C GLU B 129 20.53 11.78 5.37
N ALA B 130 19.79 10.89 4.69
CA ALA B 130 19.32 9.68 5.33
C ALA B 130 20.46 8.70 5.59
N ALA B 131 21.48 8.67 4.73
CA ALA B 131 22.62 7.78 4.94
C ALA B 131 23.40 8.18 6.19
N ARG B 132 23.71 9.48 6.32
CA ARG B 132 24.44 9.94 7.49
C ARG B 132 23.62 9.75 8.76
N ARG B 133 22.32 10.02 8.70
CA ARG B 133 21.46 9.85 9.87
C ARG B 133 21.46 8.41 10.36
N LEU B 134 21.42 7.46 9.43
CA LEU B 134 21.30 6.06 9.82
C LEU B 134 22.59 5.54 10.45
N ILE B 135 23.74 5.88 9.88
CA ILE B 135 25.01 5.34 10.36
C ILE B 135 25.36 5.87 11.74
N GLU B 136 24.84 7.04 12.12
CA GLU B 136 25.10 7.60 13.45
C GLU B 136 24.02 7.26 14.45
N SER B 137 22.85 6.82 13.98
CA SER B 137 21.75 6.43 14.87
C SER B 137 21.80 4.96 15.26
N ARG B 138 22.67 4.16 14.64
CA ARG B 138 22.74 2.74 14.90
C ARG B 138 24.18 2.34 15.18
N SER B 139 24.34 1.15 15.77
CA SER B 139 25.65 0.67 16.19
C SER B 139 26.47 0.26 14.98
N ALA B 140 27.54 1.00 14.71
CA ALA B 140 28.47 0.68 13.64
C ALA B 140 29.88 0.98 14.10
N SER B 141 30.84 0.28 13.52
CA SER B 141 32.24 0.49 13.88
C SER B 141 32.64 1.92 13.55
N PRO B 142 33.49 2.55 14.38
CA PRO B 142 33.92 3.92 14.09
C PRO B 142 34.51 4.11 12.70
N ASP B 143 35.13 3.06 12.15
CA ASP B 143 35.61 3.13 10.77
C ASP B 143 34.46 3.27 9.80
N SER B 144 33.44 2.41 9.93
CA SER B 144 32.26 2.51 9.07
C SER B 144 31.55 3.84 9.27
N ARG B 145 31.43 4.28 10.54
CA ARG B 145 30.75 5.54 10.82
C ARG B 145 31.48 6.73 10.20
N LYS B 146 32.80 6.63 10.03
CA LYS B 146 33.57 7.76 9.52
C LYS B 146 33.52 7.83 8.00
N VAL B 147 33.50 6.68 7.32
CA VAL B 147 33.46 6.67 5.86
C VAL B 147 32.17 7.32 5.36
N VAL B 148 31.06 7.08 6.06
CA VAL B 148 29.80 7.68 5.66
C VAL B 148 29.83 9.19 5.88
N LYS B 149 30.41 9.63 7.00
CA LYS B 149 30.45 11.07 7.29
C LYS B 149 31.25 11.83 6.25
N TRP B 150 32.40 11.28 5.84
CA TRP B 150 33.24 11.97 4.86
C TRP B 150 32.55 12.07 3.51
N ASN B 151 32.08 10.93 2.98
CA ASN B 151 31.45 10.94 1.67
C ASN B 151 30.19 11.80 1.65
N VAL B 152 29.45 11.85 2.75
CA VAL B 152 28.25 12.67 2.79
C VAL B 152 28.60 14.15 2.84
N GLU B 153 29.55 14.53 3.71
CA GLU B 153 29.95 15.93 3.80
C GLU B 153 30.60 16.41 2.51
N ASP B 154 31.29 15.52 1.79
CA ASP B 154 31.79 15.89 0.47
C ASP B 154 30.66 16.21 -0.49
N THR B 155 29.60 15.39 -0.47
CA THR B 155 28.45 15.63 -1.34
C THR B 155 27.78 16.95 -1.01
N PHE B 156 27.58 17.22 0.28
CA PHE B 156 27.00 18.50 0.69
C PHE B 156 27.90 19.66 0.29
N SER B 157 29.21 19.47 0.36
CA SER B 157 30.14 20.51 -0.06
C SER B 157 30.00 20.80 -1.55
N TRP B 158 29.91 19.75 -2.37
CA TRP B 158 29.79 19.94 -3.81
C TRP B 158 28.48 20.60 -4.20
N LEU B 159 27.39 20.30 -3.48
CA LEU B 159 26.09 20.83 -3.85
C LEU B 159 26.03 22.35 -3.70
N ARG B 160 26.71 22.89 -2.68
CA ARG B 160 26.68 24.34 -2.48
C ARG B 160 27.47 25.07 -3.56
N LYS B 161 28.56 24.47 -4.06
CA LYS B 161 29.47 25.17 -4.94
C LYS B 161 28.98 25.19 -6.39
N ASP B 162 28.82 24.00 -6.98
CA ASP B 162 28.53 23.87 -8.41
C ASP B 162 27.27 24.62 -8.82
N HIS B 163 27.45 25.72 -9.56
CA HIS B 163 26.34 26.54 -10.03
C HIS B 163 25.91 26.19 -11.45
N SER B 164 26.50 25.17 -12.06
CA SER B 164 26.14 24.76 -13.42
C SER B 164 25.97 23.25 -13.52
N ALA B 165 25.69 22.58 -12.41
CA ALA B 165 25.52 21.13 -12.42
C ALA B 165 24.24 20.75 -13.17
N SER B 166 24.33 19.70 -13.96
CA SER B 166 23.19 19.21 -14.73
C SER B 166 22.51 18.07 -13.99
N LYS B 167 21.42 17.56 -14.58
CA LYS B 167 20.74 16.40 -14.01
C LYS B 167 21.66 15.18 -14.03
N GLU B 168 22.36 14.96 -15.15
CA GLU B 168 23.27 13.82 -15.24
C GLU B 168 24.42 13.95 -14.24
N ASP B 169 24.78 15.18 -13.86
CA ASP B 169 25.82 15.36 -12.84
C ASP B 169 25.35 14.87 -11.48
N TYR B 170 24.10 15.18 -11.11
CA TYR B 170 23.59 14.75 -9.82
C TYR B 170 23.43 13.24 -9.75
N MET B 171 23.03 12.62 -10.87
CA MET B 171 22.83 11.17 -10.87
C MET B 171 24.16 10.42 -10.71
N ASP B 172 25.20 10.89 -11.40
CA ASP B 172 26.53 10.30 -11.22
C ASP B 172 27.01 10.42 -9.79
N ARG B 173 26.66 11.53 -9.12
CA ARG B 173 27.06 11.70 -7.73
C ARG B 173 26.23 10.80 -6.82
N LEU B 174 24.93 10.69 -7.07
CA LEU B 174 24.10 9.77 -6.30
C LEU B 174 24.58 8.34 -6.46
N GLU B 175 24.98 7.97 -7.67
CA GLU B 175 25.46 6.62 -7.92
C GLU B 175 26.78 6.36 -7.18
N HIS B 176 27.72 7.30 -7.27
CA HIS B 176 28.99 7.16 -6.56
C HIS B 176 28.78 7.14 -5.05
N LEU B 177 27.96 8.08 -4.54
CA LEU B 177 27.71 8.14 -3.11
C LEU B 177 26.99 6.88 -2.61
N ARG B 178 26.08 6.34 -3.43
CA ARG B 178 25.39 5.13 -3.06
C ARG B 178 26.32 3.92 -3.05
N ARG B 179 27.33 3.93 -3.93
CA ARG B 179 28.31 2.84 -3.95
C ARG B 179 29.27 2.94 -2.79
N GLN B 180 29.59 4.16 -2.36
CA GLN B 180 30.49 4.34 -1.21
C GLN B 180 29.77 4.01 0.09
N CYS B 181 28.55 4.50 0.26
CA CYS B 181 27.81 4.34 1.50
C CYS B 181 27.07 3.01 1.58
N GLY B 182 26.64 2.46 0.44
CA GLY B 182 25.83 1.26 0.39
C GLY B 182 26.27 0.13 1.30
N PRO B 183 27.48 -0.40 1.09
CA PRO B 183 27.96 -1.50 1.95
C PRO B 183 27.97 -1.17 3.43
N HIS B 184 28.18 0.10 3.79
CA HIS B 184 28.30 0.44 5.21
C HIS B 184 26.94 0.63 5.86
N VAL B 185 25.99 1.29 5.17
CA VAL B 185 24.65 1.43 5.73
C VAL B 185 23.96 0.07 5.80
N SER B 186 24.30 -0.86 4.90
CA SER B 186 23.67 -2.17 4.90
C SER B 186 24.00 -2.93 6.17
N ALA B 187 25.29 -3.00 6.54
CA ALA B 187 25.69 -3.74 7.73
C ALA B 187 25.10 -3.12 8.99
N ALA B 188 24.86 -1.81 9.00
CA ALA B 188 24.29 -1.17 10.19
C ALA B 188 22.82 -1.53 10.35
N ALA B 189 22.05 -1.50 9.27
CA ALA B 189 20.63 -1.78 9.31
C ALA B 189 20.31 -3.26 9.19
N LYS B 190 21.33 -4.12 9.08
CA LYS B 190 21.08 -5.55 8.90
C LYS B 190 20.29 -6.14 10.07
N ASP B 191 20.59 -5.72 11.30
CA ASP B 191 19.90 -6.25 12.47
C ASP B 191 18.41 -5.89 12.44
N SER B 192 18.08 -4.66 12.03
CA SER B 192 16.68 -4.24 12.04
C SER B 192 15.89 -4.92 10.93
N VAL B 193 16.43 -4.93 9.71
CA VAL B 193 15.73 -5.57 8.60
C VAL B 193 15.57 -7.06 8.87
N GLU B 194 16.59 -7.68 9.49
CA GLU B 194 16.47 -9.07 9.89
C GLU B 194 15.38 -9.26 10.93
N GLY B 195 15.16 -8.27 11.80
CA GLY B 195 14.09 -8.34 12.77
C GLY B 195 12.72 -8.24 12.15
N ILE B 196 12.58 -7.46 11.08
CA ILE B 196 11.30 -7.38 10.37
C ILE B 196 10.96 -8.72 9.74
N CYS B 197 11.92 -9.32 9.04
CA CYS B 197 11.68 -10.61 8.41
C CYS B 197 11.38 -11.69 9.43
N SER B 198 12.01 -11.61 10.60
CA SER B 198 11.83 -12.65 11.62
C SER B 198 10.52 -12.47 12.38
N LYS B 199 10.13 -11.22 12.67
CA LYS B 199 8.88 -10.97 13.37
C LYS B 199 7.67 -11.36 12.53
N ILE B 200 7.71 -11.05 11.23
CA ILE B 200 6.61 -11.42 10.34
C ILE B 200 6.47 -12.93 10.27
N TYR B 201 7.60 -13.64 10.24
CA TYR B 201 7.55 -15.10 10.23
C TYR B 201 6.92 -15.63 11.52
N HIS B 202 7.26 -15.04 12.66
CA HIS B 202 6.74 -15.53 13.93
C HIS B 202 5.27 -15.18 14.12
N ILE B 203 4.83 -14.04 13.59
CA ILE B 203 3.40 -13.72 13.62
C ILE B 203 2.62 -14.68 12.73
N SER B 204 3.19 -15.00 11.56
CA SER B 204 2.56 -16.00 10.69
C SER B 204 2.47 -17.35 11.38
N LEU B 205 3.57 -17.76 12.03
CA LEU B 205 3.57 -19.03 12.76
C LEU B 205 2.47 -19.10 13.80
N GLU B 206 2.21 -17.98 14.48
CA GLU B 206 1.15 -17.96 15.49
C GLU B 206 -0.23 -17.94 14.86
N TYR B 207 -0.38 -17.30 13.69
CA TYR B 207 -1.66 -17.33 12.99
C TYR B 207 -1.96 -18.72 12.44
N VAL B 208 -0.92 -19.43 11.98
CA VAL B 208 -1.11 -20.79 11.50
C VAL B 208 -1.75 -21.65 12.58
N LYS B 209 -1.26 -21.52 13.82
CA LYS B 209 -1.79 -22.36 14.90
C LYS B 209 -3.22 -21.95 15.25
N ARG B 210 -3.53 -20.66 15.15
CA ARG B 210 -4.92 -20.23 15.32
C ARG B 210 -5.81 -20.89 14.28
N ILE B 211 -5.36 -20.92 13.03
CA ILE B 211 -6.15 -21.51 11.95
C ILE B 211 -6.34 -23.01 12.18
N ARG B 212 -5.29 -23.69 12.66
CA ARG B 212 -5.39 -25.14 12.85
C ARG B 212 -6.33 -25.48 14.01
N GLU B 213 -6.27 -24.72 15.09
CA GLU B 213 -7.13 -24.99 16.24
C GLU B 213 -8.59 -24.74 15.91
N LYS B 214 -8.87 -23.69 15.14
CA LYS B 214 -10.23 -23.47 14.65
C LYS B 214 -10.64 -24.58 13.70
N HIS B 215 -9.73 -25.02 12.83
CA HIS B 215 -10.04 -26.07 11.87
C HIS B 215 -10.29 -27.40 12.58
N LEU B 216 -9.40 -27.78 13.50
CA LEU B 216 -9.56 -29.04 14.22
C LEU B 216 -10.80 -29.05 15.09
N ALA B 217 -11.21 -27.89 15.61
CA ALA B 217 -12.43 -27.83 16.40
C ALA B 217 -13.65 -28.12 15.54
N ILE B 218 -13.63 -27.69 14.28
CA ILE B 218 -14.74 -27.97 13.38
C ILE B 218 -14.78 -29.45 13.02
N LEU B 219 -13.60 -30.07 12.88
CA LEU B 219 -13.55 -31.50 12.59
C LEU B 219 -14.06 -32.33 13.76
N LYS B 220 -13.59 -32.02 14.97
CA LYS B 220 -14.10 -32.71 16.16
C LYS B 220 -15.58 -32.44 16.36
N GLU B 221 -16.06 -31.26 15.97
CA GLU B 221 -17.47 -30.93 16.11
C GLU B 221 -18.33 -31.78 15.19
N ASN B 222 -17.76 -32.28 14.09
CA ASN B 222 -18.47 -33.16 13.16
C ASN B 222 -18.05 -34.62 13.30
N ASN B 223 -17.40 -34.97 14.42
CA ASN B 223 -16.99 -36.34 14.71
C ASN B 223 -16.08 -36.90 13.62
N ILE B 224 -15.25 -36.05 13.02
CA ILE B 224 -14.26 -36.47 12.03
C ILE B 224 -12.89 -36.45 12.69
N SER B 225 -12.17 -37.56 12.60
CA SER B 225 -10.86 -37.71 13.19
C SER B 225 -9.76 -37.54 12.15
N GLU B 226 -8.55 -37.27 12.63
CA GLU B 226 -7.39 -37.09 11.78
C GLU B 226 -6.48 -38.31 11.91
N GLU B 227 -6.92 -39.42 11.34
CA GLU B 227 -6.21 -40.68 11.40
C GLU B 227 -5.92 -41.20 9.99
N VAL B 228 -4.91 -42.06 9.90
CA VAL B 228 -4.50 -42.63 8.63
C VAL B 228 -5.38 -43.83 8.31
N GLU B 229 -6.07 -43.76 7.17
CA GLU B 229 -6.99 -44.82 6.77
C GLU B 229 -6.23 -46.10 6.43
N ALA B 230 -5.71 -46.18 5.21
CA ALA B 230 -5.01 -47.37 4.74
C ALA B 230 -3.82 -46.96 3.88
N PRO B 231 -2.66 -46.71 4.48
CA PRO B 231 -1.47 -46.36 3.69
C PRO B 231 -0.84 -47.57 3.01
N GLU B 232 -1.53 -48.71 3.07
CA GLU B 232 -1.07 -49.94 2.42
C GLU B 232 -1.39 -49.86 0.94
N VAL B 233 -0.35 -49.71 0.12
CA VAL B 233 -0.51 -49.49 -1.31
C VAL B 233 0.21 -50.59 -2.07
N GLU B 234 -0.33 -50.94 -3.24
CA GLU B 234 0.41 -51.73 -4.21
C GLU B 234 1.26 -50.78 -5.05
N PRO B 235 2.58 -50.76 -4.87
CA PRO B 235 3.42 -49.82 -5.63
C PRO B 235 3.27 -50.04 -7.12
N ARG B 236 2.99 -48.96 -7.84
CA ARG B 236 2.69 -49.07 -9.27
C ARG B 236 2.80 -47.70 -9.90
N LEU B 237 2.99 -47.71 -11.23
CA LEU B 237 3.03 -46.49 -12.03
C LEU B 237 1.66 -46.28 -12.67
N VAL B 238 1.07 -45.12 -12.43
CA VAL B 238 -0.24 -44.79 -12.95
C VAL B 238 -0.19 -43.42 -13.60
N TYR B 239 -1.19 -43.16 -14.45
CA TYR B 239 -1.38 -41.80 -14.94
C TYR B 239 -1.87 -40.91 -13.81
N CYS B 240 -1.49 -39.63 -13.88
CA CYS B 240 -1.71 -38.73 -12.76
C CYS B 240 -3.20 -38.48 -12.53
N TYR B 241 -3.51 -38.05 -11.31
CA TYR B 241 -4.87 -37.83 -10.86
C TYR B 241 -4.83 -36.69 -9.85
N PRO B 242 -5.96 -36.01 -9.62
CA PRO B 242 -5.95 -34.87 -8.70
C PRO B 242 -5.45 -35.27 -7.32
N VAL B 243 -4.80 -34.31 -6.64
CA VAL B 243 -4.29 -34.58 -5.31
C VAL B 243 -5.45 -34.80 -4.36
N ARG B 244 -5.41 -35.88 -3.60
CA ARG B 244 -6.46 -36.23 -2.66
C ARG B 244 -6.05 -35.85 -1.24
N LEU B 245 -7.04 -35.74 -0.37
CA LEU B 245 -6.84 -35.35 1.02
C LEU B 245 -7.19 -36.53 1.92
N ALA B 246 -6.38 -36.71 2.97
CA ALA B 246 -6.51 -37.90 3.81
C ALA B 246 -7.77 -37.84 4.66
N VAL B 247 -7.93 -36.77 5.44
CA VAL B 247 -9.10 -36.64 6.31
C VAL B 247 -10.34 -36.39 5.46
N SER B 248 -11.43 -37.07 5.81
CA SER B 248 -12.69 -36.88 5.10
C SER B 248 -13.25 -35.48 5.36
N ALA B 249 -13.96 -34.97 4.36
CA ALA B 249 -14.49 -33.62 4.45
C ALA B 249 -15.82 -33.60 5.20
N PRO B 250 -16.03 -32.65 6.10
CA PRO B 250 -17.30 -32.55 6.81
C PRO B 250 -18.36 -31.92 5.93
N PRO B 251 -19.64 -31.97 6.33
CA PRO B 251 -20.66 -31.26 5.57
C PRO B 251 -20.43 -29.76 5.63
N MET B 252 -20.66 -29.10 4.52
CA MET B 252 -20.36 -27.69 4.39
C MET B 252 -21.56 -26.85 4.83
N PRO B 253 -21.31 -25.65 5.34
CA PRO B 253 -22.41 -24.73 5.65
C PRO B 253 -23.14 -24.32 4.39
N SER B 254 -24.34 -23.78 4.58
CA SER B 254 -25.09 -23.26 3.45
C SER B 254 -24.41 -22.01 2.90
N VAL B 255 -24.54 -21.83 1.59
CA VAL B 255 -23.93 -20.71 0.88
C VAL B 255 -24.94 -20.22 -0.16
N GLU B 256 -25.04 -18.90 -0.31
CA GLU B 256 -25.95 -18.30 -1.27
C GLU B 256 -25.18 -17.73 -2.45
N MET B 257 -25.73 -17.95 -3.65
CA MET B 257 -25.12 -17.44 -4.87
C MET B 257 -26.20 -16.83 -5.75
N HIS B 258 -25.80 -15.84 -6.54
CA HIS B 258 -26.71 -15.20 -7.50
C HIS B 258 -25.87 -14.65 -8.65
N MET B 259 -26.53 -14.47 -9.80
CA MET B 259 -25.86 -13.97 -11.00
C MET B 259 -26.44 -12.62 -11.38
N GLU B 260 -25.55 -11.67 -11.69
CA GLU B 260 -25.93 -10.33 -12.13
C GLU B 260 -25.06 -9.95 -13.32
N ASN B 261 -25.67 -9.87 -14.50
CA ASN B 261 -24.98 -9.51 -15.74
C ASN B 261 -23.81 -10.45 -16.01
N ASN B 262 -24.11 -11.76 -16.03
CA ASN B 262 -23.13 -12.80 -16.35
C ASN B 262 -21.96 -12.80 -15.39
N VAL B 263 -22.18 -12.39 -14.15
CA VAL B 263 -21.19 -12.42 -13.09
C VAL B 263 -21.79 -13.19 -11.92
N VAL B 264 -21.17 -14.30 -11.54
CA VAL B 264 -21.66 -15.13 -10.44
C VAL B 264 -21.12 -14.56 -9.13
N CYS B 265 -22.03 -14.23 -8.22
CA CYS B 265 -21.68 -13.71 -6.91
C CYS B 265 -22.04 -14.77 -5.87
N ILE B 266 -21.07 -15.12 -5.03
CA ILE B 266 -21.20 -16.19 -4.05
C ILE B 266 -20.91 -15.63 -2.67
N ARG B 267 -21.80 -15.84 -1.71
CA ARG B 267 -21.74 -15.19 -0.42
C ARG B 267 -21.77 -16.22 0.71
N TYR B 268 -20.95 -15.97 1.73
CA TYR B 268 -20.96 -16.75 2.96
C TYR B 268 -20.75 -15.80 4.13
N LYS B 269 -21.74 -15.73 5.03
CA LYS B 269 -21.68 -14.87 6.20
C LYS B 269 -21.34 -13.43 5.80
N GLY B 270 -22.00 -12.96 4.74
CA GLY B 270 -21.80 -11.62 4.23
C GLY B 270 -20.59 -11.44 3.33
N GLU B 271 -19.63 -12.35 3.37
CA GLU B 271 -18.45 -12.23 2.53
C GLU B 271 -18.72 -12.78 1.14
N MET B 272 -18.47 -11.96 0.11
CA MET B 272 -18.85 -12.27 -1.25
C MET B 272 -17.62 -12.39 -2.14
N VAL B 273 -17.61 -13.43 -2.98
CA VAL B 273 -16.61 -13.59 -4.03
C VAL B 273 -17.35 -13.57 -5.37
N LYS B 274 -16.65 -13.11 -6.40
CA LYS B 274 -17.20 -13.00 -7.74
C LYS B 274 -16.38 -13.82 -8.72
N VAL B 275 -17.03 -14.30 -9.78
CA VAL B 275 -16.38 -14.98 -10.88
C VAL B 275 -17.30 -14.91 -12.09
N SER B 276 -16.73 -14.64 -13.26
CA SER B 276 -17.52 -14.47 -14.46
C SER B 276 -18.19 -15.79 -14.85
N ARG B 277 -19.21 -15.67 -15.71
CA ARG B 277 -20.13 -16.78 -15.94
C ARG B 277 -19.43 -17.97 -16.59
N ASN B 278 -18.62 -17.71 -17.62
CA ASN B 278 -17.97 -18.83 -18.32
C ASN B 278 -16.93 -19.51 -17.45
N TYR B 279 -16.25 -18.77 -16.57
CA TYR B 279 -15.31 -19.40 -15.66
C TYR B 279 -16.01 -20.16 -14.55
N PHE B 280 -17.23 -19.75 -14.20
CA PHE B 280 -18.03 -20.54 -13.27
C PHE B 280 -18.42 -21.87 -13.90
N SER B 281 -18.75 -21.85 -15.19
CA SER B 281 -19.02 -23.09 -15.90
C SER B 281 -17.77 -23.96 -16.01
N LYS B 282 -16.62 -23.32 -16.21
CA LYS B 282 -15.36 -24.05 -16.26
C LYS B 282 -15.07 -24.78 -14.96
N LEU B 283 -15.26 -24.10 -13.83
CA LEU B 283 -15.06 -24.74 -12.53
C LEU B 283 -16.00 -25.91 -12.35
N TRP B 284 -17.22 -25.81 -12.88
CA TRP B 284 -18.16 -26.92 -12.83
C TRP B 284 -17.60 -28.15 -13.56
N LEU B 285 -17.07 -27.92 -14.76
CA LEU B 285 -16.49 -29.03 -15.53
C LEU B 285 -15.26 -29.61 -14.84
N LEU B 286 -14.39 -28.75 -14.31
CA LEU B 286 -13.26 -29.23 -13.54
C LEU B 286 -13.72 -30.04 -12.32
N TYR B 287 -14.77 -29.56 -11.65
CA TYR B 287 -15.28 -30.27 -10.47
C TYR B 287 -15.84 -31.63 -10.85
N ARG B 288 -16.53 -31.72 -11.99
CA ARG B 288 -17.08 -33.00 -12.43
C ARG B 288 -15.98 -33.97 -12.84
N TYR B 289 -14.92 -33.45 -13.47
CA TYR B 289 -13.80 -34.29 -13.89
C TYR B 289 -12.95 -34.78 -12.73
N SER B 290 -12.91 -34.05 -11.62
CA SER B 290 -11.86 -34.23 -10.63
C SER B 290 -12.34 -34.69 -9.26
N CYS B 291 -13.53 -34.29 -8.82
CA CYS B 291 -13.98 -34.55 -7.46
C CYS B 291 -14.64 -35.93 -7.35
N ILE B 292 -14.22 -36.72 -6.37
CA ILE B 292 -14.71 -38.08 -6.19
C ILE B 292 -15.29 -38.32 -4.80
N ASP B 293 -15.31 -37.30 -3.92
CA ASP B 293 -15.90 -37.44 -2.61
C ASP B 293 -17.22 -36.68 -2.50
N ASP B 294 -17.71 -36.13 -3.61
CA ASP B 294 -18.96 -35.37 -3.65
C ASP B 294 -19.91 -36.12 -4.56
N SER B 295 -20.77 -36.95 -3.97
CA SER B 295 -21.69 -37.82 -4.70
C SER B 295 -22.53 -37.03 -5.70
N ALA B 296 -23.51 -36.28 -5.19
CA ALA B 296 -24.36 -35.44 -6.03
C ALA B 296 -23.77 -34.06 -6.26
N PHE B 297 -22.48 -33.89 -5.98
CA PHE B 297 -21.79 -32.60 -6.14
C PHE B 297 -22.51 -31.50 -5.36
N GLU B 298 -22.83 -31.84 -4.10
CA GLU B 298 -23.58 -30.94 -3.22
C GLU B 298 -22.68 -29.93 -2.52
N ARG B 299 -21.37 -30.19 -2.49
CA ARG B 299 -20.41 -29.27 -1.89
C ARG B 299 -19.69 -28.41 -2.93
N PHE B 300 -20.22 -28.36 -4.16
CA PHE B 300 -19.56 -27.60 -5.23
C PHE B 300 -19.56 -26.11 -4.91
N LEU B 301 -20.74 -25.55 -4.63
CA LEU B 301 -20.83 -24.11 -4.35
C LEU B 301 -19.94 -23.67 -3.19
N PRO B 302 -20.02 -24.27 -2.00
CA PRO B 302 -19.14 -23.79 -0.90
C PRO B 302 -17.67 -24.02 -1.18
N ARG B 303 -17.31 -25.08 -1.91
CA ARG B 303 -15.91 -25.28 -2.26
C ARG B 303 -15.44 -24.26 -3.29
N VAL B 304 -16.33 -23.80 -4.17
CA VAL B 304 -15.97 -22.71 -5.07
C VAL B 304 -15.76 -21.43 -4.29
N TRP B 305 -16.57 -21.18 -3.27
CA TRP B 305 -16.39 -19.98 -2.45
C TRP B 305 -15.03 -19.98 -1.77
N CYS B 306 -14.62 -21.11 -1.22
CA CYS B 306 -13.29 -21.20 -0.59
C CYS B 306 -12.19 -20.98 -1.61
N LEU B 307 -12.32 -21.60 -2.79
CA LEU B 307 -11.31 -21.45 -3.83
C LEU B 307 -11.11 -19.99 -4.21
N LEU B 308 -12.21 -19.28 -4.47
CA LEU B 308 -12.11 -17.88 -4.85
C LEU B 308 -11.61 -17.02 -3.70
N ARG B 309 -12.00 -17.36 -2.47
CA ARG B 309 -11.50 -16.62 -1.31
C ARG B 309 -10.01 -16.86 -1.10
N ARG B 310 -9.55 -18.09 -1.34
CA ARG B 310 -8.13 -18.40 -1.18
C ARG B 310 -7.28 -17.56 -2.11
N TYR B 311 -7.64 -17.49 -3.39
CA TYR B 311 -6.86 -16.71 -4.34
C TYR B 311 -7.05 -15.22 -4.15
N GLN B 312 -8.11 -14.81 -3.46
CA GLN B 312 -8.27 -13.40 -3.12
C GLN B 312 -7.24 -12.98 -2.07
N MET B 313 -7.03 -13.82 -1.04
CA MET B 313 -6.00 -13.52 -0.05
C MET B 313 -4.62 -13.46 -0.68
N MET B 314 -4.30 -14.46 -1.50
CA MET B 314 -3.04 -14.47 -2.23
C MET B 314 -2.89 -13.24 -3.12
N PHE B 315 -3.99 -12.51 -3.38
CA PHE B 315 -3.95 -11.28 -4.17
C PHE B 315 -3.33 -11.50 -5.55
N GLN B 326 0.80 -13.33 -12.52
CA GLN B 326 1.39 -14.11 -13.60
C GLN B 326 0.38 -14.32 -14.73
N GLY B 327 0.82 -14.05 -15.96
CA GLY B 327 -0.06 -14.15 -17.11
C GLY B 327 0.00 -15.51 -17.78
N SER B 328 -1.12 -15.88 -18.40
CA SER B 328 -1.24 -17.16 -19.08
C SER B 328 -0.85 -17.02 -20.54
N LEU B 329 -0.49 -18.16 -21.15
CA LEU B 329 -0.15 -18.16 -22.57
C LEU B 329 -1.41 -18.04 -23.41
N PRO B 330 -1.30 -17.51 -24.64
CA PRO B 330 -2.47 -17.44 -25.51
C PRO B 330 -3.03 -18.82 -25.81
N VAL B 331 -4.34 -18.87 -26.04
CA VAL B 331 -5.02 -20.14 -26.29
C VAL B 331 -4.40 -20.86 -27.49
N HIS B 332 -4.08 -20.10 -28.54
CA HIS B 332 -3.49 -20.74 -29.73
C HIS B 332 -2.09 -21.27 -29.46
N VAL B 333 -1.38 -20.71 -28.47
CA VAL B 333 -0.06 -21.21 -28.15
C VAL B 333 -0.14 -22.54 -27.43
N PHE B 334 -1.10 -22.68 -26.50
CA PHE B 334 -1.30 -23.97 -25.84
C PHE B 334 -1.69 -25.05 -26.84
N GLU B 335 -2.56 -24.72 -27.78
CA GLU B 335 -2.95 -25.69 -28.81
C GLU B 335 -1.73 -26.17 -29.59
N ALA B 336 -0.82 -25.26 -29.91
CA ALA B 336 0.40 -25.65 -30.62
C ALA B 336 1.29 -26.52 -29.75
N LEU B 337 1.39 -26.20 -28.46
CA LEU B 337 2.23 -27.01 -27.57
C LEU B 337 1.70 -28.43 -27.43
N HIS B 338 0.38 -28.58 -27.30
CA HIS B 338 -0.22 -29.92 -27.25
C HIS B 338 -0.06 -30.64 -28.59
N ARG B 339 -0.35 -29.95 -29.69
CA ARG B 339 -0.32 -30.58 -31.00
C ARG B 339 1.09 -30.99 -31.39
N LEU B 340 2.06 -30.11 -31.19
CA LEU B 340 3.42 -30.32 -31.67
C LEU B 340 4.28 -31.12 -30.70
N PHE B 341 4.13 -30.89 -29.40
CA PHE B 341 5.03 -31.47 -28.40
C PHE B 341 4.32 -32.33 -27.37
N GLY B 342 3.05 -32.64 -27.58
CA GLY B 342 2.32 -33.50 -26.67
C GLY B 342 2.08 -32.94 -25.29
N VAL B 343 2.24 -31.62 -25.11
CA VAL B 343 2.02 -31.01 -23.79
C VAL B 343 0.59 -31.26 -23.35
N SER B 344 0.43 -31.70 -22.10
CA SER B 344 -0.89 -31.97 -21.54
C SER B 344 -1.05 -31.47 -20.12
N PHE B 345 -0.08 -30.74 -19.58
CA PHE B 345 0.01 -30.51 -18.16
C PHE B 345 0.78 -29.22 -17.92
N GLU B 346 0.26 -28.37 -17.02
CA GLU B 346 0.92 -27.12 -16.65
C GLU B 346 1.48 -27.26 -15.24
N CYS B 347 2.77 -27.01 -15.10
CA CYS B 347 3.42 -27.15 -13.80
C CYS B 347 3.09 -26.01 -12.85
N PHE B 348 2.60 -24.88 -13.36
CA PHE B 348 2.28 -23.73 -12.53
C PHE B 348 1.03 -23.08 -13.09
N ALA B 349 -0.10 -23.30 -12.42
CA ALA B 349 -1.38 -22.78 -12.85
C ALA B 349 -2.32 -22.79 -11.65
N SER B 350 -3.58 -22.48 -11.89
CA SER B 350 -4.62 -22.47 -10.86
C SER B 350 -5.90 -22.98 -11.51
N PRO B 351 -6.93 -23.34 -10.74
CA PRO B 351 -8.21 -23.69 -11.38
C PRO B 351 -8.75 -22.56 -12.23
N LEU B 352 -8.37 -21.31 -11.95
CA LEU B 352 -8.93 -20.17 -12.66
C LEU B 352 -8.25 -19.89 -13.98
N ASN B 353 -6.97 -20.23 -14.12
CA ASN B 353 -6.23 -19.93 -15.35
C ASN B 353 -5.72 -21.16 -16.09
N CYS B 354 -5.99 -22.36 -15.60
CA CYS B 354 -5.46 -23.55 -16.24
C CYS B 354 -6.09 -23.77 -17.60
N TYR B 355 -5.30 -24.28 -18.54
CA TYR B 355 -5.78 -24.63 -19.87
C TYR B 355 -6.19 -26.09 -19.96
N PHE B 356 -5.41 -26.97 -19.35
CA PHE B 356 -5.72 -28.40 -19.28
C PHE B 356 -6.45 -28.71 -17.98
N ARG B 357 -7.07 -29.89 -17.93
CA ARG B 357 -7.74 -30.32 -16.71
C ARG B 357 -6.80 -31.00 -15.72
N GLN B 358 -5.51 -31.07 -16.03
CA GLN B 358 -4.49 -31.55 -15.09
C GLN B 358 -3.36 -30.54 -15.05
N TYR B 359 -2.91 -30.21 -13.85
CA TYR B 359 -1.98 -29.10 -13.63
C TYR B 359 -1.54 -29.13 -12.18
N CYS B 360 -0.54 -28.32 -11.87
CA CYS B 360 -0.05 -28.15 -10.52
C CYS B 360 -0.37 -26.74 -10.03
N SER B 361 -0.81 -26.64 -8.78
CA SER B 361 -1.16 -25.37 -8.18
C SER B 361 -0.69 -25.33 -6.74
N ALA B 362 -0.74 -24.14 -6.15
CA ALA B 362 -0.14 -23.96 -4.82
C ALA B 362 -0.93 -24.68 -3.74
N PHE B 363 -2.24 -24.79 -3.88
CA PHE B 363 -3.12 -25.20 -2.78
C PHE B 363 -3.82 -26.52 -3.08
N PRO B 364 -3.34 -27.63 -2.54
CA PRO B 364 -4.02 -28.91 -2.77
C PRO B 364 -5.39 -29.01 -2.12
N ASP B 365 -5.65 -28.23 -1.05
CA ASP B 365 -6.93 -28.37 -0.36
C ASP B 365 -8.07 -27.75 -1.16
N THR B 366 -7.86 -26.55 -1.70
CA THR B 366 -8.91 -25.89 -2.46
C THR B 366 -8.95 -26.29 -3.93
N ASP B 367 -7.80 -26.65 -4.51
CA ASP B 367 -7.71 -26.81 -5.95
C ASP B 367 -7.78 -28.27 -6.42
N GLY B 368 -7.49 -29.23 -5.54
CA GLY B 368 -7.53 -30.62 -5.96
C GLY B 368 -8.91 -31.04 -6.45
N TYR B 369 -9.96 -30.53 -5.81
CA TYR B 369 -11.32 -30.78 -6.26
C TYR B 369 -11.55 -30.29 -7.69
N PHE B 370 -10.69 -29.40 -8.19
CA PHE B 370 -10.82 -28.85 -9.53
C PHE B 370 -9.69 -29.28 -10.45
N GLY B 371 -8.98 -30.36 -10.11
CA GLY B 371 -8.02 -30.96 -11.02
C GLY B 371 -6.57 -30.69 -10.72
N SER B 372 -6.25 -29.91 -9.70
CA SER B 372 -4.85 -29.66 -9.38
C SER B 372 -4.21 -30.93 -8.84
N ARG B 373 -2.97 -31.18 -9.25
CA ARG B 373 -2.17 -32.25 -8.70
C ARG B 373 -1.38 -31.80 -7.47
N GLY B 374 -1.59 -30.58 -7.01
CA GLY B 374 -0.85 -30.06 -5.89
C GLY B 374 0.37 -29.28 -6.34
N PRO B 375 1.18 -28.85 -5.37
CA PRO B 375 2.37 -28.06 -5.73
C PRO B 375 3.34 -28.82 -6.63
N CYS B 376 4.00 -28.07 -7.51
CA CYS B 376 4.87 -28.68 -8.51
C CYS B 376 6.04 -29.41 -7.87
N LEU B 377 6.61 -28.83 -6.80
CA LEU B 377 7.78 -29.43 -6.17
C LEU B 377 7.44 -30.75 -5.48
N ASP B 378 6.19 -30.91 -5.05
CA ASP B 378 5.71 -32.15 -4.45
C ASP B 378 5.19 -33.14 -5.49
N PHE B 379 5.41 -32.87 -6.77
CA PHE B 379 4.91 -33.69 -7.87
C PHE B 379 6.12 -34.28 -8.61
N ALA B 380 6.18 -35.61 -8.68
CA ALA B 380 7.35 -36.31 -9.21
C ALA B 380 6.96 -37.17 -10.42
N PRO B 381 6.71 -36.56 -11.57
CA PRO B 381 6.34 -37.36 -12.75
C PRO B 381 7.52 -38.13 -13.29
N LEU B 382 7.24 -39.37 -13.69
CA LEU B 382 8.24 -40.20 -14.36
C LEU B 382 8.15 -40.13 -15.88
N SER B 383 7.04 -39.63 -16.41
CA SER B 383 6.88 -39.43 -17.84
C SER B 383 5.84 -38.34 -18.06
N GLY B 384 5.86 -37.77 -19.25
CA GLY B 384 4.91 -36.72 -19.61
C GLY B 384 5.54 -35.55 -20.35
N SER B 385 4.70 -34.75 -21.01
CA SER B 385 5.12 -33.55 -21.70
C SER B 385 4.49 -32.36 -21.00
N PHE B 386 5.32 -31.50 -20.42
CA PHE B 386 4.86 -30.45 -19.53
C PHE B 386 5.20 -29.07 -20.05
N GLU B 387 4.41 -28.09 -19.61
CA GLU B 387 4.69 -26.68 -19.81
C GLU B 387 4.84 -26.02 -18.44
N ALA B 388 5.83 -25.15 -18.32
CA ALA B 388 6.14 -24.50 -17.05
C ALA B 388 6.26 -23.00 -17.27
N ASN B 389 5.41 -22.24 -16.61
CA ASN B 389 5.47 -20.77 -16.60
C ASN B 389 5.39 -20.33 -15.16
N PRO B 390 6.51 -20.39 -14.43
CA PRO B 390 6.48 -20.21 -12.99
C PRO B 390 6.38 -18.75 -12.61
N PRO B 391 5.91 -18.45 -11.40
CA PRO B 391 5.95 -17.07 -10.91
C PRO B 391 7.39 -16.62 -10.71
N PHE B 392 7.59 -15.30 -10.74
CA PHE B 392 8.94 -14.76 -10.63
C PHE B 392 9.36 -14.76 -9.17
N CYS B 393 10.13 -15.78 -8.79
CA CYS B 393 10.68 -15.90 -7.44
C CYS B 393 11.90 -16.80 -7.58
N GLU B 394 13.09 -16.19 -7.54
CA GLU B 394 14.30 -16.93 -7.89
C GLU B 394 14.61 -18.07 -6.92
N GLU B 395 13.99 -18.08 -5.74
CA GLU B 395 14.09 -19.26 -4.89
C GLU B 395 13.21 -20.38 -5.41
N LEU B 396 12.01 -20.04 -5.91
CA LEU B 396 11.15 -21.06 -6.49
C LEU B 396 11.67 -21.53 -7.84
N MET B 397 12.23 -20.61 -8.63
CA MET B 397 12.75 -20.99 -9.94
C MET B 397 13.98 -21.87 -9.81
N ASP B 398 14.83 -21.61 -8.81
CA ASP B 398 16.00 -22.47 -8.59
C ASP B 398 15.57 -23.88 -8.18
N ALA B 399 14.66 -23.98 -7.21
CA ALA B 399 14.16 -25.28 -6.80
C ALA B 399 13.49 -26.00 -7.96
N MET B 400 12.81 -25.25 -8.84
CA MET B 400 12.15 -25.87 -9.98
C MET B 400 13.16 -26.48 -10.94
N VAL B 401 14.27 -25.80 -11.18
CA VAL B 401 15.29 -26.30 -12.10
C VAL B 401 15.93 -27.58 -11.54
N SER B 402 16.34 -27.53 -10.26
CA SER B 402 16.87 -28.73 -9.63
C SER B 402 15.85 -29.86 -9.64
N HIS B 403 14.57 -29.51 -9.43
CA HIS B 403 13.52 -30.53 -9.44
C HIS B 403 13.38 -31.17 -10.81
N PHE B 404 13.31 -30.34 -11.86
CA PHE B 404 13.18 -30.88 -13.22
C PHE B 404 14.37 -31.75 -13.59
N GLU B 405 15.58 -31.31 -13.21
CA GLU B 405 16.77 -32.05 -13.59
C GLU B 405 16.85 -33.39 -12.87
N ARG B 406 16.45 -33.44 -11.60
CA ARG B 406 16.38 -34.72 -10.89
C ARG B 406 15.43 -35.67 -11.59
N LEU B 407 14.25 -35.17 -11.99
CA LEU B 407 13.28 -36.02 -12.68
C LEU B 407 13.82 -36.49 -14.02
N LEU B 408 14.47 -35.60 -14.78
CA LEU B 408 15.02 -35.98 -16.08
C LEU B 408 16.21 -36.92 -15.93
N GLU B 409 16.96 -36.79 -14.84
CA GLU B 409 18.08 -37.70 -14.59
C GLU B 409 17.59 -39.14 -14.40
N SER B 410 16.60 -39.34 -13.54
CA SER B 410 16.31 -40.63 -12.94
C SER B 410 15.11 -41.34 -13.57
N SER B 411 14.86 -41.12 -14.86
CA SER B 411 13.74 -41.77 -15.52
C SER B 411 14.09 -42.11 -16.96
N PRO B 412 13.92 -43.37 -17.37
CA PRO B 412 14.06 -43.73 -18.78
C PRO B 412 12.81 -43.54 -19.62
N GLU B 413 11.72 -43.09 -19.02
CA GLU B 413 10.49 -42.84 -19.75
C GLU B 413 10.54 -41.45 -20.39
N PRO B 414 9.80 -41.23 -21.48
CA PRO B 414 9.84 -39.92 -22.14
C PRO B 414 9.34 -38.81 -21.24
N LEU B 415 10.17 -37.78 -21.07
CA LEU B 415 9.89 -36.68 -20.17
C LEU B 415 10.32 -35.38 -20.84
N SER B 416 9.52 -34.33 -20.69
CA SER B 416 9.82 -33.08 -21.37
C SER B 416 9.21 -31.91 -20.61
N PHE B 417 9.99 -30.84 -20.45
CA PHE B 417 9.54 -29.61 -19.80
C PHE B 417 9.88 -28.44 -20.73
N ILE B 418 8.85 -27.78 -21.24
CA ILE B 418 9.00 -26.55 -22.01
C ILE B 418 8.72 -25.39 -21.06
N VAL B 419 9.77 -24.63 -20.72
CA VAL B 419 9.72 -23.63 -19.68
C VAL B 419 9.70 -22.25 -20.31
N PHE B 420 8.78 -21.40 -19.86
CA PHE B 420 8.65 -20.02 -20.30
C PHE B 420 9.14 -19.12 -19.17
N ILE B 421 10.17 -18.32 -19.44
CA ILE B 421 10.72 -17.40 -18.46
C ILE B 421 10.94 -16.03 -19.11
N PRO B 422 10.30 -14.97 -18.64
CA PRO B 422 10.64 -13.63 -19.14
C PRO B 422 12.00 -13.20 -18.63
N GLU B 423 12.74 -12.51 -19.50
CA GLU B 423 14.05 -11.98 -19.13
C GLU B 423 13.88 -10.61 -18.47
N TRP B 424 13.11 -10.63 -17.37
CA TRP B 424 12.76 -9.40 -16.66
C TRP B 424 13.99 -8.73 -16.08
N ARG B 425 14.75 -9.45 -15.25
CA ARG B 425 15.88 -8.87 -14.55
C ARG B 425 16.99 -8.52 -15.53
N GLU B 426 17.63 -7.37 -15.29
CA GLU B 426 18.70 -6.91 -16.19
C GLU B 426 19.93 -7.81 -16.06
N PRO B 427 20.32 -8.24 -14.87
CA PRO B 427 21.19 -9.42 -14.78
C PRO B 427 20.35 -10.68 -14.64
N PRO B 428 20.39 -11.57 -15.63
CA PRO B 428 19.56 -12.77 -15.59
C PRO B 428 19.78 -13.55 -14.29
N THR B 429 18.66 -14.01 -13.71
CA THR B 429 18.74 -14.79 -12.49
C THR B 429 19.43 -16.13 -12.77
N PRO B 430 20.06 -16.72 -11.75
CA PRO B 430 20.78 -17.99 -11.98
C PRO B 430 19.89 -19.12 -12.45
N ALA B 431 18.58 -19.07 -12.18
CA ALA B 431 17.68 -20.13 -12.61
C ALA B 431 17.66 -20.23 -14.13
N LEU B 432 17.46 -19.11 -14.81
CA LEU B 432 17.52 -19.11 -16.28
C LEU B 432 18.92 -19.51 -16.75
N THR B 433 19.96 -19.06 -16.05
CA THR B 433 21.31 -19.43 -16.42
C THR B 433 21.54 -20.92 -16.27
N ARG B 434 21.03 -21.51 -15.18
CA ARG B 434 21.18 -22.95 -14.97
C ARG B 434 20.48 -23.74 -16.06
N MET B 435 19.28 -23.31 -16.47
CA MET B 435 18.56 -24.00 -17.53
C MET B 435 19.29 -23.90 -18.86
N GLU B 436 20.00 -22.79 -19.09
CA GLU B 436 20.76 -22.65 -20.33
C GLU B 436 21.91 -23.64 -20.39
N GLN B 437 22.60 -23.86 -19.28
CA GLN B 437 23.71 -24.80 -19.21
C GLN B 437 23.27 -26.24 -19.03
N SER B 438 21.98 -26.51 -18.94
CA SER B 438 21.51 -27.86 -18.67
C SER B 438 21.86 -28.82 -19.80
N ARG B 439 22.30 -30.03 -19.43
CA ARG B 439 22.56 -31.07 -20.42
C ARG B 439 21.28 -31.60 -21.06
N PHE B 440 20.12 -31.25 -20.51
CA PHE B 440 18.83 -31.66 -21.05
C PHE B 440 18.23 -30.63 -21.98
N LYS B 441 18.87 -29.47 -22.14
CA LYS B 441 18.36 -28.42 -23.01
C LYS B 441 18.54 -28.84 -24.47
N ARG B 442 17.42 -29.00 -25.18
CA ARG B 442 17.44 -29.39 -26.57
C ARG B 442 17.29 -28.22 -27.53
N HIS B 443 16.66 -27.13 -27.08
CA HIS B 443 16.56 -25.92 -27.88
C HIS B 443 16.19 -24.77 -26.95
N GLN B 444 16.65 -23.58 -27.30
CA GLN B 444 16.29 -22.35 -26.59
C GLN B 444 15.74 -21.34 -27.59
N LEU B 445 14.60 -20.76 -27.27
CA LEU B 445 13.87 -19.89 -28.16
C LEU B 445 13.56 -18.58 -27.44
N ILE B 446 13.64 -17.47 -28.17
CA ILE B 446 13.40 -16.14 -27.62
C ILE B 446 12.18 -15.54 -28.30
N LEU B 447 11.16 -15.24 -27.51
CA LEU B 447 10.02 -14.47 -28.00
C LEU B 447 10.36 -12.99 -27.86
N PRO B 448 10.40 -12.23 -28.95
CA PRO B 448 10.81 -10.83 -28.84
C PRO B 448 9.81 -9.99 -28.06
N ALA B 449 10.34 -8.98 -27.37
CA ALA B 449 9.49 -8.04 -26.66
C ALA B 449 8.61 -7.28 -27.66
N PHE B 450 7.40 -6.95 -27.21
CA PHE B 450 6.40 -6.23 -28.00
C PHE B 450 5.89 -7.05 -29.17
N GLU B 451 6.31 -8.31 -29.28
CA GLU B 451 5.96 -9.14 -30.43
C GLU B 451 5.31 -10.46 -30.01
N HIS B 452 4.90 -10.60 -28.75
CA HIS B 452 4.10 -11.73 -28.33
C HIS B 452 3.21 -11.30 -27.17
N GLU B 453 2.17 -12.09 -26.93
CA GLU B 453 1.10 -11.72 -26.01
C GLU B 453 0.98 -12.72 -24.86
N TYR B 454 0.35 -12.26 -23.79
CA TYR B 454 -0.07 -13.09 -22.67
C TYR B 454 -1.54 -12.82 -22.38
N ARG B 455 -2.13 -13.68 -21.54
CA ARG B 455 -3.50 -13.50 -21.07
C ARG B 455 -3.48 -13.00 -19.64
N SER B 456 -4.45 -12.15 -19.30
CA SER B 456 -4.46 -11.46 -18.03
C SER B 456 -4.46 -12.46 -16.86
N GLY B 457 -3.75 -12.08 -15.78
CA GLY B 457 -3.73 -12.92 -14.60
C GLY B 457 -5.05 -12.95 -13.86
N SER B 458 -5.86 -11.90 -14.01
CA SER B 458 -7.21 -11.85 -13.49
C SER B 458 -8.23 -12.20 -14.56
N GLN B 459 -7.90 -13.18 -15.41
CA GLN B 459 -8.75 -13.55 -16.53
C GLN B 459 -10.09 -14.14 -16.10
N HIS B 460 -10.27 -14.45 -14.82
CA HIS B 460 -11.47 -15.11 -14.36
C HIS B 460 -12.63 -14.14 -14.09
N ILE B 461 -12.37 -12.84 -14.07
CA ILE B 461 -13.44 -11.86 -13.87
C ILE B 461 -13.32 -10.71 -14.87
N CYS B 462 -12.19 -10.62 -15.56
CA CYS B 462 -11.98 -9.50 -16.47
C CYS B 462 -12.70 -9.73 -17.80
N LYS B 463 -13.09 -8.62 -18.42
CA LYS B 463 -13.86 -8.67 -19.65
C LYS B 463 -12.98 -9.12 -20.82
N LYS B 464 -13.64 -9.45 -21.93
CA LYS B 464 -12.94 -10.00 -23.09
C LYS B 464 -11.98 -8.98 -23.70
N GLU B 465 -12.31 -7.68 -23.61
CA GLU B 465 -11.43 -6.66 -24.15
C GLU B 465 -10.24 -6.35 -23.25
N GLU B 466 -10.29 -6.78 -21.98
CA GLU B 466 -9.18 -6.64 -21.05
C GLU B 466 -8.38 -7.94 -20.91
N MET B 467 -8.39 -8.78 -21.95
CA MET B 467 -7.90 -10.14 -21.84
C MET B 467 -6.42 -10.27 -22.19
N HIS B 468 -6.01 -9.75 -23.35
CA HIS B 468 -4.67 -9.97 -23.86
C HIS B 468 -3.86 -8.67 -23.82
N TYR B 469 -2.59 -8.79 -23.45
CA TYR B 469 -1.67 -7.67 -23.41
C TYR B 469 -0.35 -8.07 -24.05
N LYS B 470 0.32 -7.09 -24.66
CA LYS B 470 1.60 -7.34 -25.31
C LYS B 470 2.70 -7.51 -24.27
N ALA B 471 3.54 -8.51 -24.46
CA ALA B 471 4.68 -8.69 -23.58
C ALA B 471 5.72 -7.61 -23.82
N VAL B 472 6.09 -6.90 -22.75
CA VAL B 472 7.04 -5.81 -22.86
C VAL B 472 8.49 -6.28 -22.77
N HIS B 473 8.72 -7.52 -22.37
CA HIS B 473 10.06 -8.09 -22.27
C HIS B 473 10.18 -9.30 -23.20
N ASN B 474 11.41 -9.74 -23.39
CA ASN B 474 11.64 -11.00 -24.08
C ASN B 474 11.21 -12.17 -23.19
N THR B 475 10.81 -13.26 -23.82
CA THR B 475 10.49 -14.49 -23.13
C THR B 475 11.42 -15.59 -23.64
N ALA B 476 12.13 -16.23 -22.72
CA ALA B 476 12.97 -17.37 -23.05
C ALA B 476 12.13 -18.64 -22.95
N VAL B 477 12.18 -19.46 -24.00
CA VAL B 477 11.47 -20.73 -24.05
C VAL B 477 12.51 -21.83 -24.19
N LEU B 478 12.59 -22.70 -23.21
CA LEU B 478 13.65 -23.70 -23.13
C LEU B 478 13.05 -25.09 -23.09
N PHE B 479 13.59 -25.99 -23.91
CA PHE B 479 13.11 -27.36 -24.04
C PHE B 479 14.05 -28.25 -23.25
N LEU B 480 13.64 -28.67 -22.06
CA LEU B 480 14.41 -29.57 -21.22
C LEU B 480 13.84 -30.98 -21.37
N GLN B 481 14.57 -31.86 -22.05
CA GLN B 481 14.07 -33.18 -22.40
C GLN B 481 15.16 -34.22 -22.18
N ASN B 482 14.79 -35.34 -21.56
CA ASN B 482 15.69 -36.48 -21.52
C ASN B 482 15.73 -37.14 -22.89
N ASP B 483 16.58 -38.16 -23.02
CA ASP B 483 16.74 -38.83 -24.31
C ASP B 483 15.43 -39.38 -24.87
N PRO B 484 14.63 -40.15 -24.12
CA PRO B 484 13.35 -40.60 -24.70
C PRO B 484 12.38 -39.46 -24.96
N GLY B 485 12.35 -38.46 -24.09
CA GLY B 485 11.50 -37.30 -24.32
C GLY B 485 11.90 -36.53 -25.56
N PHE B 486 13.21 -36.40 -25.80
CA PHE B 486 13.68 -35.78 -27.03
C PHE B 486 13.35 -36.63 -28.25
N ALA B 487 13.40 -37.96 -28.11
CA ALA B 487 13.08 -38.83 -29.23
C ALA B 487 11.62 -38.69 -29.65
N LYS B 488 10.73 -38.34 -28.71
CA LYS B 488 9.31 -38.31 -28.97
C LYS B 488 8.79 -36.91 -29.29
N TRP B 489 9.29 -35.89 -28.60
CA TRP B 489 8.79 -34.53 -28.73
C TRP B 489 9.92 -33.55 -29.06
N ALA B 490 10.81 -33.93 -29.98
CA ALA B 490 11.96 -33.09 -30.29
C ALA B 490 11.53 -31.75 -30.85
N PRO B 491 12.29 -30.68 -30.55
CA PRO B 491 12.05 -29.38 -31.22
C PRO B 491 12.66 -29.34 -32.61
N THR B 492 12.04 -30.07 -33.53
CA THR B 492 12.50 -30.08 -34.91
C THR B 492 12.25 -28.71 -35.54
N PRO B 493 12.99 -28.38 -36.61
CA PRO B 493 12.78 -27.07 -37.24
C PRO B 493 11.37 -26.84 -37.73
N GLU B 494 10.72 -27.87 -38.30
CA GLU B 494 9.34 -27.70 -38.75
C GLU B 494 8.39 -27.52 -37.57
N ARG B 495 8.66 -28.16 -36.44
CA ARG B 495 7.83 -27.97 -35.25
C ARG B 495 8.03 -26.57 -34.66
N LEU B 496 9.27 -26.10 -34.61
CA LEU B 496 9.52 -24.75 -34.15
C LEU B 496 8.91 -23.72 -35.09
N GLN B 497 8.81 -24.04 -36.37
CA GLN B 497 8.18 -23.15 -37.33
C GLN B 497 6.71 -22.94 -36.99
N GLU B 498 5.99 -24.04 -36.71
CA GLU B 498 4.58 -23.93 -36.41
C GLU B 498 4.33 -23.29 -35.06
N LEU B 499 5.26 -23.44 -34.12
CA LEU B 499 5.10 -22.84 -32.79
C LEU B 499 5.19 -21.32 -32.87
N SER B 500 6.24 -20.80 -33.52
CA SER B 500 6.35 -19.36 -33.71
C SER B 500 5.21 -18.82 -34.57
N ALA B 501 4.69 -19.64 -35.48
CA ALA B 501 3.55 -19.22 -36.30
C ALA B 501 2.32 -18.95 -35.46
N ALA B 502 2.14 -19.70 -34.36
CA ALA B 502 0.99 -19.50 -33.51
C ALA B 502 1.05 -18.19 -32.73
N TYR B 503 2.23 -17.58 -32.60
CA TYR B 503 2.33 -16.28 -31.96
C TYR B 503 2.01 -15.15 -32.92
N ARG B 504 2.42 -15.29 -34.17
CA ARG B 504 2.17 -14.27 -35.19
C ARG B 504 0.68 -14.01 -35.36
#